data_7BEK
#
_entry.id   7BEK
#
_cell.length_a   83.020
_cell.length_b   149.410
_cell.length_c   145.490
_cell.angle_alpha   90.000
_cell.angle_beta   90.000
_cell.angle_gamma   90.000
#
_symmetry.space_group_name_H-M   'C 2 2 21'
#
loop_
_entity.id
_entity.type
_entity.pdbx_description
1 polymer 'COVOX-158 heavy chain'
2 polymer 'COVOX-158 light chain'
3 polymer 'Spike glycoprotein'
4 branched 2-acetamido-2-deoxy-beta-D-glucopyranose-(1-4)-[alpha-L-fucopyranose-(1-6)]2-acetamido-2-deoxy-beta-D-glucopyranose
5 non-polymer DI(HYDROXYETHYL)ETHER
6 non-polymer GLYCEROL
7 non-polymer 'SULFATE ION'
8 non-polymer 'CHLORIDE ION'
9 non-polymer 2-AMINO-2-HYDROXYMETHYL-PROPANE-1,3-DIOL
10 water water
#
loop_
_entity_poly.entity_id
_entity_poly.type
_entity_poly.pdbx_seq_one_letter_code
_entity_poly.pdbx_strand_id
1 'polypeptide(L)'
;EVQLLESGGDLIQPGGSLRLSCAASGVTVSSNYMSWVRQAPGKGLEWVSIIYPGGSTFYADSVKGRFTISRDNSKNTLYL
QMHSLRAEDTAVYYCARDLGSGDMDVWGKGTTVTVSSASTKGPSVFPLAPSSKSTSGGTAALGCLVKDYFPEPVTVSWNS
GALTSGVHTFPAVLQSSGLYSLSSVVTVPSSSLGTQTYICNVNHKPSNTKVDKKVEPKSCDK
;
H
2 'polypeptide(L)'
;DIVMTQSPSFLSASVGDRVTITCRASQGISSYLAWYQQKPGKAPKLLIQAASTLQSGVPSRFSGSGSGTEFTLTISSLQP
EDFATYYCQQLNSYRYTFGQGTKVEIKRTVAAPSVFIFPPSDEQLKSGTASVVCLLNNFYPREAKVQWKVDNALQSGNSQ
ESVTEQDSKDSTYSLSSTLTLSKADYEKHKVYACEVTHQGLSSPVTKSFNRGEC
;
L
3 'polypeptide(L)'
;ETGHHHHHHTNLCPFGEVFNATRFASVYAWNRKRISNCVADYSVLYNSASFSTFKCYGVSPTKLNDLCFTNVYADSFVIR
GDEVRQIAPGQTGKIADYNYKLPDDFTGCVIAWNSNNLDSKVGGNYNYLYRLFRKSNLKPFERDISTEIYQAGSTPCNGV
EGFNCYFPLQSYGFQPTNGVGYQPYRVVVLSFELLHAPATVCGKK
;
E
#
loop_
_chem_comp.id
_chem_comp.type
_chem_comp.name
_chem_comp.formula
CL non-polymer 'CHLORIDE ION' 'Cl -1'
FUC L-saccharide, alpha linking alpha-L-fucopyranose 'C6 H12 O5'
GOL non-polymer GLYCEROL 'C3 H8 O3'
NAG D-saccharide, beta linking 2-acetamido-2-deoxy-beta-D-glucopyranose 'C8 H15 N O6'
PEG non-polymer DI(HYDROXYETHYL)ETHER 'C4 H10 O3'
SO4 non-polymer 'SULFATE ION' 'O4 S -2'
TRS non-polymer 2-AMINO-2-HYDROXYMETHYL-PROPANE-1,3-DIOL 'C4 H12 N O3 1'
#
# COMPACT_ATOMS: atom_id res chain seq x y z
N GLU A 1 19.71 -4.03 18.64
CA GLU A 1 19.86 -4.08 17.18
C GLU A 1 19.03 -2.98 16.53
N VAL A 2 18.75 -3.15 15.24
CA VAL A 2 17.96 -2.18 14.48
C VAL A 2 16.48 -2.52 14.66
N GLN A 3 15.72 -1.56 15.18
CA GLN A 3 14.29 -1.77 15.38
C GLN A 3 13.58 -0.42 15.39
N LEU A 4 12.32 -0.44 14.94
CA LEU A 4 11.42 0.69 15.02
C LEU A 4 10.25 0.28 15.89
N LEU A 5 10.01 1.03 16.97
CA LEU A 5 9.00 0.68 17.97
C LEU A 5 7.95 1.79 17.98
N GLU A 6 6.79 1.52 17.38
CA GLU A 6 5.73 2.52 17.33
C GLU A 6 4.67 2.27 18.39
N SER A 7 3.99 3.35 18.76
CA SER A 7 2.96 3.30 19.80
C SER A 7 2.00 4.45 19.57
N GLY A 8 0.92 4.46 20.36
CA GLY A 8 -0.06 5.53 20.33
C GLY A 8 -1.37 5.17 19.66
N GLY A 9 -1.45 4.02 18.99
CA GLY A 9 -2.71 3.63 18.38
C GLY A 9 -3.79 3.40 19.42
N ASP A 10 -5.03 3.70 19.03
CA ASP A 10 -6.14 3.64 19.98
C ASP A 10 -7.45 3.69 19.21
N LEU A 11 -8.54 3.47 19.95
CA LEU A 11 -9.89 3.65 19.45
C LEU A 11 -10.31 5.09 19.67
N ILE A 12 -10.85 5.73 18.63
CA ILE A 12 -11.18 7.15 18.69
C ILE A 12 -12.36 7.41 17.76
N GLN A 13 -13.16 8.43 18.12
CA GLN A 13 -14.34 8.81 17.35
C GLN A 13 -13.94 9.59 16.10
N PRO A 14 -14.79 9.57 15.06
CA PRO A 14 -14.53 10.40 13.88
C PRO A 14 -14.45 11.87 14.27
N GLY A 15 -13.56 12.60 13.60
CA GLY A 15 -13.26 13.95 13.97
C GLY A 15 -12.25 14.10 15.08
N GLY A 16 -11.79 13.00 15.66
CA GLY A 16 -10.83 13.05 16.75
C GLY A 16 -9.41 13.25 16.26
N SER A 17 -8.49 13.25 17.21
CA SER A 17 -7.08 13.47 16.94
C SER A 17 -6.25 12.42 17.66
N LEU A 18 -5.11 12.08 17.07
CA LEU A 18 -4.24 11.07 17.64
C LEU A 18 -2.82 11.30 17.15
N ARG A 19 -1.85 11.11 18.03
CA ARG A 19 -0.45 11.19 17.65
C ARG A 19 0.19 9.81 17.81
N LEU A 20 0.83 9.34 16.74
CA LEU A 20 1.60 8.11 16.77
C LEU A 20 3.08 8.44 16.89
N SER A 21 3.79 7.64 17.68
CA SER A 21 5.23 7.80 17.87
C SER A 21 5.94 6.59 17.33
N CYS A 22 7.20 6.78 16.95
CA CYS A 22 8.02 5.69 16.40
C CYS A 22 9.45 5.91 16.87
N ALA A 23 9.83 5.24 17.96
CA ALA A 23 11.18 5.36 18.50
C ALA A 23 12.11 4.42 17.76
N ALA A 24 13.25 4.93 17.31
CA ALA A 24 14.17 4.18 16.48
C ALA A 24 15.45 3.83 17.24
N SER A 25 16.03 2.70 16.88
CA SER A 25 17.35 2.30 17.34
C SER A 25 18.08 1.60 16.20
N GLY A 26 19.38 1.88 16.08
CA GLY A 26 20.15 1.39 14.97
C GLY A 26 20.06 2.23 13.70
N VAL A 27 19.13 3.17 13.66
CA VAL A 27 18.96 4.08 12.52
C VAL A 27 18.74 5.47 13.07
N THR A 28 19.35 6.47 12.42
CA THR A 28 19.17 7.87 12.82
C THR A 28 18.03 8.47 12.01
N VAL A 29 16.95 8.83 12.69
CA VAL A 29 15.74 9.28 12.00
C VAL A 29 16.00 10.54 11.19
N SER A 30 16.75 11.49 11.77
CA SER A 30 16.99 12.77 11.11
C SER A 30 17.85 12.63 9.87
N SER A 31 18.60 11.54 9.74
CA SER A 31 19.49 11.33 8.61
C SER A 31 18.87 10.48 7.50
N ASN A 32 17.61 10.08 7.65
CA ASN A 32 17.00 9.11 6.75
C ASN A 32 15.71 9.63 6.16
N TYR A 33 15.34 9.04 5.02
CA TYR A 33 13.97 9.09 4.55
C TYR A 33 13.13 8.19 5.44
N MET A 34 12.18 8.77 6.18
CA MET A 34 11.34 8.04 7.10
C MET A 34 9.88 8.20 6.69
N SER A 35 9.15 7.10 6.68
CA SER A 35 7.77 7.08 6.19
C SER A 35 6.85 6.42 7.19
N TRP A 36 5.57 6.76 7.06
CA TRP A 36 4.48 6.03 7.69
C TRP A 36 3.70 5.31 6.58
N VAL A 37 3.40 4.02 6.80
CA VAL A 37 2.62 3.22 5.88
C VAL A 37 1.53 2.52 6.69
N ARG A 38 0.32 2.46 6.14
CA ARG A 38 -0.80 1.89 6.85
C ARG A 38 -1.44 0.76 6.06
N GLN A 39 -2.21 -0.06 6.77
CA GLN A 39 -2.86 -1.23 6.18
C GLN A 39 -4.22 -1.40 6.82
N ALA A 40 -5.28 -1.10 6.07
CA ALA A 40 -6.63 -1.27 6.57
C ALA A 40 -6.92 -2.77 6.74
N PRO A 41 -7.86 -3.12 7.62
CA PRO A 41 -8.14 -4.55 7.86
C PRO A 41 -8.52 -5.28 6.58
N GLY A 42 -7.71 -6.27 6.22
CA GLY A 42 -7.96 -7.09 5.05
C GLY A 42 -7.61 -6.47 3.72
N LYS A 43 -6.88 -5.36 3.71
CA LYS A 43 -6.52 -4.67 2.47
C LYS A 43 -4.99 -4.68 2.32
N GLY A 44 -4.52 -3.95 1.31
CA GLY A 44 -3.11 -3.86 1.02
C GLY A 44 -2.44 -2.68 1.70
N LEU A 45 -1.19 -2.44 1.29
CA LEU A 45 -0.39 -1.37 1.87
C LEU A 45 -0.71 -0.03 1.21
N GLU A 46 -0.73 1.02 2.01
CA GLU A 46 -0.93 2.38 1.52
C GLU A 46 0.09 3.30 2.19
N TRP A 47 0.96 3.89 1.36
CA TRP A 47 1.89 4.89 1.87
C TRP A 47 1.14 6.13 2.33
N VAL A 48 1.57 6.69 3.47
CA VAL A 48 0.88 7.79 4.12
C VAL A 48 1.68 9.09 4.02
N SER A 49 2.91 9.09 4.49
CA SER A 49 3.67 10.32 4.62
C SER A 49 5.15 9.99 4.69
N ILE A 50 5.97 10.98 4.34
CA ILE A 50 7.43 10.83 4.35
C ILE A 50 8.06 12.16 4.76
N ILE A 51 9.19 12.06 5.45
CA ILE A 51 9.98 13.24 5.78
C ILE A 51 11.42 12.99 5.32
N TYR A 52 11.93 13.89 4.48
CA TYR A 52 13.28 13.72 3.95
C TYR A 52 14.32 14.01 5.02
N PRO A 53 15.53 13.51 4.85
CA PRO A 53 16.61 13.89 5.78
C PRO A 53 16.81 15.39 5.89
N GLY A 54 16.65 16.12 4.80
CA GLY A 54 16.76 17.56 4.86
C GLY A 54 15.57 18.27 5.47
N GLY A 55 14.49 17.55 5.75
CA GLY A 55 13.33 18.12 6.41
C GLY A 55 12.07 18.24 5.56
N SER A 56 12.15 18.12 4.23
CA SER A 56 10.95 18.21 3.42
C SER A 56 9.98 17.08 3.75
N THR A 57 8.69 17.40 3.70
CA THR A 57 7.63 16.43 3.99
C THR A 57 6.67 16.35 2.81
N PHE A 58 6.10 15.16 2.61
CA PHE A 58 5.12 14.93 1.56
C PHE A 58 4.07 13.97 2.07
N TYR A 59 2.88 14.02 1.46
CA TYR A 59 1.73 13.31 1.97
C TYR A 59 0.93 12.69 0.84
N ALA A 60 0.30 11.56 1.13
CA ALA A 60 -0.68 11.00 0.21
C ALA A 60 -1.90 11.91 0.14
N ASP A 61 -2.58 11.89 -1.00
CA ASP A 61 -3.74 12.76 -1.19
C ASP A 61 -4.84 12.46 -0.19
N SER A 62 -4.95 11.20 0.27
CA SER A 62 -6.04 10.83 1.16
C SER A 62 -5.89 11.41 2.55
N VAL A 63 -4.69 11.85 2.94
CA VAL A 63 -4.45 12.38 4.27
C VAL A 63 -3.99 13.83 4.25
N LYS A 64 -3.86 14.44 3.08
CA LYS A 64 -3.32 15.78 2.99
C LYS A 64 -4.22 16.78 3.71
N GLY A 65 -3.60 17.70 4.44
CA GLY A 65 -4.33 18.67 5.24
C GLY A 65 -4.85 18.16 6.56
N ARG A 66 -4.68 16.87 6.85
CA ARG A 66 -5.15 16.28 8.11
C ARG A 66 -4.04 15.66 8.94
N PHE A 67 -3.03 15.07 8.32
CA PHE A 67 -1.92 14.45 9.02
C PHE A 67 -0.67 15.30 8.90
N THR A 68 0.20 15.21 9.91
CA THR A 68 1.48 15.90 9.89
C THR A 68 2.55 14.96 10.41
N ILE A 69 3.61 14.80 9.62
CA ILE A 69 4.75 14.00 10.03
C ILE A 69 5.82 14.93 10.58
N SER A 70 6.47 14.51 11.66
CA SER A 70 7.55 15.29 12.27
C SER A 70 8.50 14.32 12.96
N ARG A 71 9.55 14.87 13.56
CA ARG A 71 10.54 14.04 14.23
C ARG A 71 11.21 14.84 15.33
N ASP A 72 11.81 14.11 16.27
CA ASP A 72 12.57 14.71 17.37
C ASP A 72 13.96 14.10 17.34
N ASN A 73 14.98 14.94 17.07
CA ASN A 73 16.34 14.44 16.92
C ASN A 73 16.87 13.91 18.25
N SER A 74 16.65 14.66 19.34
CA SER A 74 17.19 14.26 20.64
C SER A 74 16.60 12.94 21.12
N LYS A 75 15.36 12.63 20.74
CA LYS A 75 14.70 11.39 21.10
C LYS A 75 14.82 10.33 20.01
N ASN A 76 15.40 10.67 18.86
CA ASN A 76 15.49 9.78 17.71
C ASN A 76 14.15 9.11 17.44
N THR A 77 13.13 9.95 17.27
CA THR A 77 11.75 9.49 17.23
C THR A 77 11.00 10.17 16.10
N LEU A 78 10.22 9.38 15.37
CA LEU A 78 9.33 9.86 14.32
C LEU A 78 7.91 9.95 14.86
N TYR A 79 7.14 10.91 14.34
CA TYR A 79 5.78 11.14 14.80
C TYR A 79 4.83 11.24 13.61
N LEU A 80 3.57 10.89 13.86
CA LEU A 80 2.46 11.13 12.94
C LEU A 80 1.32 11.74 13.73
N GLN A 81 1.10 13.04 13.55
CA GLN A 81 -0.02 13.73 14.17
C GLN A 81 -1.22 13.67 13.23
N MET A 82 -2.32 13.10 13.72
CA MET A 82 -3.52 12.91 12.93
C MET A 82 -4.64 13.77 13.48
N HIS A 83 -5.29 14.53 12.60
CA HIS A 83 -6.45 15.35 12.95
C HIS A 83 -7.61 15.00 12.02
N SER A 84 -8.82 15.33 12.47
CA SER A 84 -10.04 15.13 11.70
C SER A 84 -10.12 13.69 11.17
N LEU A 85 -9.95 12.74 12.08
CA LEU A 85 -9.89 11.33 11.70
C LEU A 85 -11.23 10.87 11.15
N ARG A 86 -11.16 9.93 10.21
CA ARG A 86 -12.33 9.35 9.56
C ARG A 86 -12.31 7.85 9.71
N ALA A 87 -13.47 7.23 9.47
CA ALA A 87 -13.59 5.79 9.60
C ALA A 87 -12.59 5.06 8.70
N GLU A 88 -12.36 5.59 7.49
CA GLU A 88 -11.44 4.95 6.55
C GLU A 88 -9.98 5.11 6.94
N ASP A 89 -9.66 5.88 7.99
CA ASP A 89 -8.30 5.91 8.51
C ASP A 89 -7.99 4.70 9.40
N THR A 90 -8.98 3.86 9.69
CA THR A 90 -8.77 2.66 10.49
C THR A 90 -7.76 1.74 9.80
N ALA A 91 -6.67 1.44 10.50
CA ALA A 91 -5.59 0.64 9.91
C ALA A 91 -4.55 0.33 10.97
N VAL A 92 -3.68 -0.61 10.65
CA VAL A 92 -2.40 -0.74 11.33
C VAL A 92 -1.42 0.23 10.67
N TYR A 93 -0.75 1.03 11.49
CA TYR A 93 0.19 2.04 11.00
C TYR A 93 1.61 1.59 11.29
N TYR A 94 2.43 1.48 10.24
CA TYR A 94 3.83 1.16 10.36
C TYR A 94 4.67 2.40 10.09
N CYS A 95 5.76 2.54 10.82
CA CYS A 95 6.84 3.42 10.41
C CYS A 95 7.94 2.60 9.75
N ALA A 96 8.56 3.18 8.73
CA ALA A 96 9.55 2.46 7.94
C ALA A 96 10.67 3.40 7.53
N ARG A 97 11.87 2.84 7.41
CA ARG A 97 13.00 3.57 6.86
C ARG A 97 13.04 3.34 5.36
N ASP A 98 13.11 4.43 4.61
CA ASP A 98 13.13 4.41 3.15
C ASP A 98 14.58 4.54 2.67
N LEU A 99 15.06 3.55 1.93
CA LEU A 99 16.42 3.57 1.42
C LEU A 99 16.66 4.68 0.40
N GLY A 100 15.64 5.45 0.01
CA GLY A 100 15.86 6.56 -0.91
C GLY A 100 14.88 6.62 -2.06
N SER A 101 14.64 5.48 -2.68
CA SER A 101 13.79 5.39 -3.85
C SER A 101 12.37 4.93 -3.53
N GLY A 102 12.04 4.74 -2.26
CA GLY A 102 10.77 4.17 -1.87
C GLY A 102 10.86 2.74 -1.36
N ASP A 103 12.00 2.08 -1.55
CA ASP A 103 12.19 0.72 -1.08
C ASP A 103 12.51 0.73 0.41
N MET A 104 11.58 0.26 1.22
CA MET A 104 11.68 0.35 2.68
C MET A 104 12.15 -0.99 3.24
N ASP A 105 13.28 -0.98 3.95
CA ASP A 105 13.90 -2.19 4.46
C ASP A 105 13.70 -2.41 5.95
N VAL A 106 13.54 -1.35 6.74
CA VAL A 106 13.33 -1.46 8.17
C VAL A 106 11.89 -1.05 8.48
N TRP A 107 11.14 -1.97 9.10
CA TRP A 107 9.76 -1.73 9.47
C TRP A 107 9.59 -1.94 10.97
N GLY A 108 8.65 -1.19 11.55
CA GLY A 108 8.21 -1.47 12.89
C GLY A 108 7.14 -2.55 12.91
N LYS A 109 6.74 -2.93 14.13
CA LYS A 109 5.69 -3.93 14.29
C LYS A 109 4.30 -3.36 14.04
N GLY A 110 4.13 -2.05 14.06
CA GLY A 110 2.83 -1.48 13.77
C GLY A 110 2.04 -1.17 15.03
N THR A 111 1.20 -0.15 14.93
CA THR A 111 0.24 0.18 15.98
C THR A 111 -1.13 0.35 15.34
N THR A 112 -2.18 -0.07 16.05
CA THR A 112 -3.51 -0.20 15.48
C THR A 112 -4.37 1.01 15.83
N VAL A 113 -4.91 1.66 14.81
CA VAL A 113 -5.83 2.78 14.96
C VAL A 113 -7.21 2.34 14.50
N THR A 114 -8.22 2.57 15.33
CA THR A 114 -9.61 2.30 14.98
C THR A 114 -10.40 3.59 15.15
N VAL A 115 -11.06 4.02 14.09
CA VAL A 115 -11.88 5.22 14.08
C VAL A 115 -13.31 4.81 13.82
N SER A 116 -14.19 5.05 14.79
CA SER A 116 -15.57 4.58 14.67
C SER A 116 -16.47 5.38 15.58
N SER A 117 -17.71 5.57 15.12
CA SER A 117 -18.77 6.16 15.93
C SER A 117 -19.50 5.13 16.78
N ALA A 118 -19.22 3.84 16.60
CA ALA A 118 -19.99 2.80 17.26
C ALA A 118 -19.74 2.80 18.76
N SER A 119 -20.82 2.55 19.52
CA SER A 119 -20.71 2.35 20.96
C SER A 119 -20.23 0.94 21.25
N THR A 120 -19.40 0.81 22.28
CA THR A 120 -19.00 -0.50 22.76
C THR A 120 -20.23 -1.29 23.18
N LYS A 121 -20.32 -2.53 22.71
CA LYS A 121 -21.51 -3.35 22.96
C LYS A 121 -21.13 -4.82 22.92
N GLY A 122 -21.70 -5.60 23.85
CA GLY A 122 -21.53 -7.02 23.85
C GLY A 122 -22.46 -7.71 22.88
N PRO A 123 -22.03 -8.86 22.37
CA PRO A 123 -22.79 -9.54 21.32
C PRO A 123 -24.02 -10.25 21.83
N SER A 124 -25.01 -10.34 20.97
CA SER A 124 -26.04 -11.36 21.11
C SER A 124 -25.51 -12.66 20.51
N VAL A 125 -25.84 -13.78 21.14
CA VAL A 125 -25.41 -15.09 20.68
C VAL A 125 -26.65 -15.90 20.33
N PHE A 126 -26.80 -16.23 19.06
CA PHE A 126 -27.95 -16.99 18.60
C PHE A 126 -27.50 -18.36 18.08
N PRO A 127 -28.32 -19.39 18.30
CA PRO A 127 -27.91 -20.74 17.87
C PRO A 127 -28.08 -20.93 16.37
N LEU A 128 -27.16 -21.69 15.79
CA LEU A 128 -27.30 -22.23 14.44
C LEU A 128 -27.61 -23.71 14.63
N ALA A 129 -28.90 -24.02 14.67
CA ALA A 129 -29.36 -25.35 15.12
C ALA A 129 -29.09 -26.40 14.04
N PRO A 130 -28.70 -27.61 14.45
CA PRO A 130 -28.48 -28.68 13.47
C PRO A 130 -29.77 -29.04 12.76
N SER A 131 -29.69 -29.17 11.44
CA SER A 131 -30.87 -29.47 10.63
C SER A 131 -31.53 -30.76 11.07
N SER A 132 -32.86 -30.81 10.94
CA SER A 132 -33.59 -32.03 11.27
C SER A 132 -33.30 -33.14 10.25
N LYS A 133 -33.10 -32.77 8.99
CA LYS A 133 -32.74 -33.74 7.94
C LYS A 133 -31.23 -33.91 7.85
N SER A 134 -30.64 -34.34 8.97
CA SER A 134 -29.22 -34.64 8.98
C SER A 134 -28.97 -36.04 8.41
N THR A 135 -27.84 -36.18 7.72
CA THR A 135 -27.53 -37.42 7.02
C THR A 135 -27.52 -38.60 7.99
N SER A 136 -28.24 -39.67 7.62
CA SER A 136 -28.32 -40.87 8.44
C SER A 136 -26.96 -41.54 8.49
N GLY A 137 -26.34 -41.54 9.67
CA GLY A 137 -25.00 -42.09 9.79
C GLY A 137 -23.92 -41.22 9.22
N GLY A 138 -24.16 -39.91 9.09
CA GLY A 138 -23.17 -39.01 8.56
C GLY A 138 -22.80 -37.89 9.51
N THR A 139 -22.54 -36.71 8.96
CA THR A 139 -22.07 -35.57 9.73
C THR A 139 -23.11 -34.46 9.74
N ALA A 140 -23.26 -33.81 10.89
CA ALA A 140 -24.18 -32.70 11.05
C ALA A 140 -23.40 -31.45 11.45
N ALA A 141 -23.90 -30.29 11.00
CA ALA A 141 -23.28 -29.01 11.32
C ALA A 141 -24.18 -28.22 12.26
N LEU A 142 -23.56 -27.55 13.22
CA LEU A 142 -24.23 -26.66 14.15
C LEU A 142 -23.25 -25.54 14.50
N GLY A 143 -23.76 -24.52 15.17
CA GLY A 143 -22.88 -23.42 15.53
C GLY A 143 -23.59 -22.32 16.28
N CYS A 144 -22.91 -21.17 16.35
CA CYS A 144 -23.37 -19.99 17.08
C CYS A 144 -23.15 -18.75 16.22
N LEU A 145 -24.17 -17.90 16.16
CA LEU A 145 -24.07 -16.61 15.49
C LEU A 145 -23.84 -15.53 16.55
N VAL A 146 -22.70 -14.86 16.46
CA VAL A 146 -22.25 -13.87 17.43
C VAL A 146 -22.42 -12.51 16.77
N LYS A 147 -23.52 -11.82 17.07
CA LYS A 147 -23.97 -10.69 16.28
C LYS A 147 -23.98 -9.39 17.07
N ASP A 148 -23.55 -8.31 16.41
CA ASP A 148 -23.70 -6.94 16.87
C ASP A 148 -22.87 -6.65 18.13
N TYR A 149 -21.55 -6.69 17.97
CA TYR A 149 -20.64 -6.34 19.05
C TYR A 149 -19.62 -5.34 18.53
N PHE A 150 -18.98 -4.65 19.48
CA PHE A 150 -17.97 -3.66 19.17
C PHE A 150 -17.22 -3.33 20.46
N PRO A 151 -15.90 -3.19 20.41
CA PRO A 151 -15.08 -3.43 19.22
C PRO A 151 -14.63 -4.89 19.14
N GLU A 152 -13.76 -5.18 18.17
CA GLU A 152 -13.06 -6.46 18.16
C GLU A 152 -12.15 -6.55 19.37
N PRO A 153 -11.82 -7.76 19.83
CA PRO A 153 -12.27 -9.06 19.31
C PRO A 153 -13.23 -9.80 20.25
N VAL A 154 -13.75 -10.92 19.78
CA VAL A 154 -14.42 -11.90 20.61
C VAL A 154 -13.63 -13.20 20.50
N THR A 155 -13.75 -14.02 21.54
CA THR A 155 -13.24 -15.39 21.50
C THR A 155 -14.42 -16.35 21.66
N VAL A 156 -14.32 -17.49 20.98
CA VAL A 156 -15.35 -18.51 21.02
C VAL A 156 -14.69 -19.85 21.29
N SER A 157 -15.25 -20.61 22.23
CA SER A 157 -14.86 -21.99 22.46
C SER A 157 -16.13 -22.84 22.48
N TRP A 158 -15.94 -24.16 22.45
CA TRP A 158 -17.06 -25.09 22.43
C TRP A 158 -16.91 -26.10 23.56
N ASN A 159 -17.96 -26.24 24.35
CA ASN A 159 -17.98 -27.13 25.52
C ASN A 159 -16.79 -26.85 26.44
N SER A 160 -16.49 -25.55 26.62
CA SER A 160 -15.45 -25.09 27.53
C SER A 160 -14.08 -25.66 27.14
N GLY A 161 -13.83 -25.75 25.83
CA GLY A 161 -12.57 -26.26 25.33
C GLY A 161 -12.53 -27.74 25.04
N ALA A 162 -13.53 -28.50 25.50
CA ALA A 162 -13.53 -29.95 25.30
C ALA A 162 -13.85 -30.35 23.86
N LEU A 163 -14.26 -29.41 23.01
CA LEU A 163 -14.58 -29.68 21.62
C LEU A 163 -13.74 -28.76 20.75
N THR A 164 -12.75 -29.31 20.06
CA THR A 164 -11.86 -28.52 19.23
C THR A 164 -11.81 -29.03 17.80
N SER A 165 -11.92 -30.35 17.62
CA SER A 165 -11.93 -30.93 16.28
C SER A 165 -13.16 -30.48 15.52
N GLY A 166 -12.95 -30.05 14.27
CA GLY A 166 -14.05 -29.64 13.42
C GLY A 166 -14.58 -28.24 13.65
N VAL A 167 -13.98 -27.46 14.53
CA VAL A 167 -14.47 -26.11 14.83
C VAL A 167 -13.93 -25.14 13.78
N HIS A 168 -14.81 -24.30 13.24
CA HIS A 168 -14.42 -23.20 12.38
C HIS A 168 -15.05 -21.93 12.92
N THR A 169 -14.23 -21.02 13.45
CA THR A 169 -14.67 -19.70 13.87
C THR A 169 -14.22 -18.70 12.80
N PHE A 170 -15.18 -18.07 12.15
CA PHE A 170 -14.91 -17.28 10.96
C PHE A 170 -14.44 -15.88 11.32
N PRO A 171 -13.70 -15.23 10.42
CA PRO A 171 -13.42 -13.80 10.59
C PRO A 171 -14.70 -13.00 10.68
N ALA A 172 -14.71 -12.03 11.59
CA ALA A 172 -15.86 -11.15 11.74
C ALA A 172 -15.99 -10.24 10.54
N VAL A 173 -17.22 -9.87 10.22
CA VAL A 173 -17.49 -8.88 9.18
C VAL A 173 -18.03 -7.62 9.84
N LEU A 174 -17.68 -6.48 9.27
CA LEU A 174 -18.15 -5.19 9.76
C LEU A 174 -19.45 -4.86 9.05
N GLN A 175 -20.55 -4.82 9.79
CA GLN A 175 -21.84 -4.51 9.21
C GLN A 175 -21.95 -2.99 8.97
N SER A 176 -22.94 -2.60 8.17
CA SER A 176 -23.15 -1.19 7.89
C SER A 176 -23.57 -0.42 9.13
N SER A 177 -24.02 -1.10 10.17
CA SER A 177 -24.30 -0.45 11.45
C SER A 177 -23.04 -0.02 12.17
N GLY A 178 -21.86 -0.47 11.72
CA GLY A 178 -20.63 -0.23 12.44
C GLY A 178 -20.32 -1.28 13.49
N LEU A 179 -21.15 -2.30 13.63
CA LEU A 179 -20.94 -3.36 14.61
C LEU A 179 -20.50 -4.63 13.91
N TYR A 180 -19.69 -5.42 14.60
CA TYR A 180 -19.13 -6.63 14.03
C TYR A 180 -20.08 -7.82 14.23
N SER A 181 -19.90 -8.84 13.40
CA SER A 181 -20.68 -10.06 13.52
C SER A 181 -19.86 -11.21 12.97
N LEU A 182 -19.91 -12.35 13.65
CA LEU A 182 -19.25 -13.54 13.14
C LEU A 182 -20.06 -14.77 13.50
N SER A 183 -19.65 -15.91 12.95
CA SER A 183 -20.25 -17.19 13.29
C SER A 183 -19.15 -18.18 13.61
N SER A 184 -19.45 -19.10 14.50
CA SER A 184 -18.57 -20.22 14.83
C SER A 184 -19.35 -21.51 14.65
N VAL A 185 -18.80 -22.44 13.88
CA VAL A 185 -19.50 -23.68 13.53
C VAL A 185 -18.63 -24.87 13.88
N VAL A 186 -19.28 -26.02 14.04
CA VAL A 186 -18.59 -27.28 14.26
C VAL A 186 -19.39 -28.38 13.58
N THR A 187 -18.67 -29.37 13.03
CA THR A 187 -19.29 -30.55 12.46
C THR A 187 -19.14 -31.70 13.44
N VAL A 188 -20.24 -32.37 13.74
CA VAL A 188 -20.26 -33.49 14.69
C VAL A 188 -20.98 -34.65 14.04
N PRO A 189 -20.77 -35.87 14.54
CA PRO A 189 -21.54 -37.02 14.04
C PRO A 189 -23.01 -36.85 14.36
N SER A 190 -23.86 -37.08 13.35
CA SER A 190 -25.31 -36.90 13.52
C SER A 190 -25.85 -37.73 14.67
N SER A 191 -25.22 -38.87 14.95
CA SER A 191 -25.70 -39.75 16.02
C SER A 191 -25.61 -39.08 17.39
N SER A 192 -24.66 -38.16 17.57
CA SER A 192 -24.43 -37.53 18.86
C SER A 192 -25.43 -36.42 19.17
N LEU A 193 -26.34 -36.08 18.24
CA LEU A 193 -27.21 -34.94 18.45
C LEU A 193 -28.17 -35.15 19.62
N GLY A 194 -28.58 -36.38 19.88
CA GLY A 194 -29.54 -36.63 20.94
C GLY A 194 -28.95 -36.84 22.32
N THR A 195 -27.63 -37.02 22.42
CA THR A 195 -27.04 -37.42 23.70
C THR A 195 -25.93 -36.48 24.17
N GLN A 196 -25.25 -35.82 23.24
CA GLN A 196 -24.13 -34.94 23.59
C GLN A 196 -24.58 -33.50 23.54
N THR A 197 -24.33 -32.75 24.61
CA THR A 197 -24.68 -31.34 24.67
C THR A 197 -23.57 -30.50 24.04
N TYR A 198 -23.97 -29.52 23.24
CA TYR A 198 -23.04 -28.61 22.59
C TYR A 198 -23.35 -27.18 23.03
N ILE A 199 -22.35 -26.52 23.62
CA ILE A 199 -22.49 -25.16 24.15
C ILE A 199 -21.33 -24.34 23.64
N CYS A 200 -21.63 -23.22 22.99
CA CYS A 200 -20.58 -22.29 22.57
C CYS A 200 -20.38 -21.25 23.66
N ASN A 201 -19.12 -20.99 24.00
CA ASN A 201 -18.76 -20.05 25.05
C ASN A 201 -18.15 -18.82 24.39
N VAL A 202 -18.78 -17.66 24.58
CA VAL A 202 -18.42 -16.42 23.92
C VAL A 202 -17.91 -15.44 24.95
N ASN A 203 -16.73 -14.86 24.70
CA ASN A 203 -16.12 -13.88 25.58
C ASN A 203 -15.85 -12.61 24.78
N HIS A 204 -16.33 -11.48 25.31
CA HIS A 204 -16.09 -10.15 24.72
C HIS A 204 -15.60 -9.26 25.86
N LYS A 205 -14.28 -9.22 26.03
CA LYS A 205 -13.70 -8.47 27.14
C LYS A 205 -14.08 -6.99 27.18
N PRO A 206 -14.11 -6.25 26.06
CA PRO A 206 -14.41 -4.80 26.15
C PRO A 206 -15.73 -4.48 26.82
N SER A 207 -16.72 -5.37 26.74
CA SER A 207 -18.01 -5.19 27.40
C SER A 207 -18.17 -6.07 28.63
N ASN A 208 -17.11 -6.76 29.04
CA ASN A 208 -17.15 -7.71 30.17
C ASN A 208 -18.28 -8.72 29.98
N THR A 209 -18.46 -9.17 28.74
CA THR A 209 -19.55 -10.07 28.38
C THR A 209 -19.04 -11.50 28.26
N LYS A 210 -19.67 -12.41 28.99
CA LYS A 210 -19.43 -13.85 28.88
C LYS A 210 -20.77 -14.54 28.71
N VAL A 211 -20.92 -15.30 27.61
CA VAL A 211 -22.20 -15.91 27.26
C VAL A 211 -21.95 -17.37 26.88
N ASP A 212 -22.75 -18.26 27.45
CA ASP A 212 -22.78 -19.67 27.07
C ASP A 212 -24.12 -19.95 26.41
N LYS A 213 -24.09 -20.43 25.17
CA LYS A 213 -25.31 -20.70 24.41
C LYS A 213 -25.39 -22.18 24.09
N LYS A 214 -26.37 -22.85 24.70
CA LYS A 214 -26.65 -24.24 24.38
C LYS A 214 -27.28 -24.31 22.99
N VAL A 215 -26.72 -25.14 22.11
CA VAL A 215 -27.19 -25.28 20.74
C VAL A 215 -27.81 -26.66 20.62
N GLU A 216 -29.13 -26.71 20.42
CA GLU A 216 -29.89 -27.95 20.41
C GLU A 216 -30.65 -28.12 19.10
N PRO A 217 -31.04 -29.36 18.76
CA PRO A 217 -31.93 -29.55 17.61
C PRO A 217 -33.28 -28.89 17.88
N LYS A 218 -33.84 -28.29 16.84
CA LYS A 218 -35.12 -27.58 16.99
C LYS A 218 -36.27 -28.56 16.88
N SER A 219 -37.23 -28.44 17.80
CA SER A 219 -38.41 -29.28 17.83
C SER A 219 -39.56 -28.61 17.07
N CYS A 220 -40.41 -29.42 16.45
CA CYS A 220 -41.58 -28.91 15.76
C CYS A 220 -42.55 -28.27 16.76
N ASP B 1 -2.07 9.10 -14.10
CA ASP B 1 -0.93 8.57 -13.35
C ASP B 1 -0.69 7.11 -13.71
N ILE B 2 0.29 6.50 -13.04
CA ILE B 2 0.71 5.14 -13.33
C ILE B 2 -0.01 4.17 -12.39
N VAL B 3 -0.72 3.22 -12.97
CA VAL B 3 -1.49 2.23 -12.22
C VAL B 3 -0.75 0.91 -12.23
N MET B 4 -0.55 0.33 -11.04
CA MET B 4 0.13 -0.95 -10.89
C MET B 4 -0.93 -2.04 -10.78
N THR B 5 -0.95 -2.95 -11.76
CA THR B 5 -1.84 -4.09 -11.77
C THR B 5 -1.03 -5.34 -11.45
N GLN B 6 -1.30 -5.95 -10.30
CA GLN B 6 -0.60 -7.14 -9.85
C GLN B 6 -1.49 -8.36 -10.03
N SER B 7 -0.96 -9.38 -10.68
CA SER B 7 -1.68 -10.61 -10.98
C SER B 7 -0.79 -11.80 -10.71
N PRO B 8 -1.36 -12.93 -10.25
CA PRO B 8 -2.78 -13.07 -9.89
C PRO B 8 -3.05 -12.66 -8.44
N SER B 9 -4.31 -12.51 -8.07
CA SER B 9 -4.64 -12.18 -6.69
C SER B 9 -4.30 -13.33 -5.76
N PHE B 10 -4.63 -14.56 -6.17
CA PHE B 10 -4.35 -15.76 -5.40
C PHE B 10 -3.61 -16.76 -6.28
N LEU B 11 -2.62 -17.44 -5.68
CA LEU B 11 -1.78 -18.39 -6.40
C LEU B 11 -1.55 -19.59 -5.50
N SER B 12 -1.89 -20.78 -5.99
CA SER B 12 -1.66 -22.02 -5.25
C SER B 12 -0.41 -22.70 -5.78
N ALA B 13 0.52 -23.03 -4.88
CA ALA B 13 1.75 -23.69 -5.24
C ALA B 13 2.09 -24.74 -4.19
N SER B 14 3.04 -25.61 -4.53
CA SER B 14 3.51 -26.65 -3.63
C SER B 14 4.96 -26.39 -3.22
N VAL B 15 5.35 -27.01 -2.12
CA VAL B 15 6.69 -26.81 -1.58
C VAL B 15 7.71 -27.35 -2.59
N GLY B 16 8.62 -26.48 -3.01
CA GLY B 16 9.59 -26.82 -4.03
C GLY B 16 9.24 -26.36 -5.43
N ASP B 17 8.08 -25.74 -5.62
CA ASP B 17 7.65 -25.28 -6.94
C ASP B 17 8.37 -23.99 -7.31
N ARG B 18 8.31 -23.67 -8.60
CA ARG B 18 8.81 -22.41 -9.13
C ARG B 18 7.63 -21.48 -9.36
N VAL B 19 7.62 -20.35 -8.65
CA VAL B 19 6.47 -19.45 -8.60
C VAL B 19 6.81 -18.16 -9.35
N THR B 20 5.84 -17.67 -10.12
CA THR B 20 6.00 -16.45 -10.91
C THR B 20 4.84 -15.50 -10.61
N ILE B 21 5.17 -14.33 -10.05
CA ILE B 21 4.20 -13.28 -9.78
C ILE B 21 4.47 -12.12 -10.74
N THR B 22 3.41 -11.54 -11.29
CA THR B 22 3.53 -10.52 -12.32
C THR B 22 2.97 -9.19 -11.81
N CYS B 23 3.70 -8.11 -12.08
CA CYS B 23 3.28 -6.75 -11.74
C CYS B 23 3.40 -5.91 -13.00
N ARG B 24 2.29 -5.36 -13.46
CA ARG B 24 2.24 -4.60 -14.71
C ARG B 24 1.93 -3.14 -14.41
N ALA B 25 2.81 -2.24 -14.85
CA ALA B 25 2.58 -0.81 -14.74
C ALA B 25 1.92 -0.29 -16.01
N SER B 26 1.08 0.74 -15.84
CA SER B 26 0.35 1.29 -16.97
C SER B 26 1.25 2.02 -17.96
N GLN B 27 2.52 2.25 -17.64
CA GLN B 27 3.50 2.75 -18.58
C GLN B 27 4.89 2.55 -17.99
N GLY B 28 5.91 2.83 -18.80
CA GLY B 28 7.28 2.48 -18.47
C GLY B 28 7.87 3.12 -17.22
N ILE B 29 8.39 2.29 -16.32
CA ILE B 29 8.97 2.75 -15.06
C ILE B 29 10.41 2.25 -14.96
N SER B 30 11.05 2.05 -16.12
CA SER B 30 12.43 1.58 -16.17
C SER B 30 12.62 0.32 -15.33
N SER B 31 13.42 0.43 -14.26
CA SER B 31 13.60 -0.67 -13.32
C SER B 31 13.15 -0.27 -11.91
N TYR B 32 12.36 0.79 -11.79
CA TYR B 32 11.95 1.34 -10.50
C TYR B 32 10.84 0.49 -9.91
N LEU B 33 11.22 -0.67 -9.37
CA LEU B 33 10.22 -1.54 -8.74
C LEU B 33 10.83 -2.29 -7.56
N ALA B 34 10.03 -2.44 -6.51
CA ALA B 34 10.40 -3.21 -5.33
C ALA B 34 9.37 -4.31 -5.09
N TRP B 35 9.79 -5.34 -4.35
CA TRP B 35 8.92 -6.46 -3.98
C TRP B 35 8.97 -6.66 -2.48
N TYR B 36 7.81 -6.89 -1.89
CA TYR B 36 7.71 -7.14 -0.45
C TYR B 36 7.03 -8.48 -0.20
N GLN B 37 7.35 -9.07 0.95
CA GLN B 37 6.71 -10.28 1.44
C GLN B 37 6.09 -9.97 2.80
N GLN B 38 4.84 -10.37 3.00
CA GLN B 38 4.16 -10.14 4.26
C GLN B 38 3.39 -11.38 4.67
N LYS B 39 3.60 -11.82 5.90
CA LYS B 39 2.88 -12.92 6.51
C LYS B 39 1.84 -12.37 7.48
N PRO B 40 0.78 -13.15 7.76
CA PRO B 40 -0.31 -12.63 8.59
C PRO B 40 0.17 -12.12 9.95
N GLY B 41 -0.22 -10.89 10.27
CA GLY B 41 0.12 -10.29 11.54
C GLY B 41 1.52 -9.70 11.62
N LYS B 42 2.33 -9.80 10.58
CA LYS B 42 3.70 -9.32 10.59
C LYS B 42 3.85 -8.13 9.65
N ALA B 43 4.91 -7.35 9.88
CA ALA B 43 5.22 -6.25 9.00
C ALA B 43 5.77 -6.78 7.67
N PRO B 44 5.63 -6.01 6.59
CA PRO B 44 6.23 -6.43 5.31
C PRO B 44 7.74 -6.51 5.40
N LYS B 45 8.31 -7.31 4.52
CA LYS B 45 9.74 -7.56 4.46
C LYS B 45 10.23 -7.28 3.05
N LEU B 46 11.23 -6.42 2.93
CA LEU B 46 11.75 -6.07 1.61
C LEU B 46 12.57 -7.22 1.04
N LEU B 47 12.20 -7.67 -0.16
CA LEU B 47 12.88 -8.78 -0.82
C LEU B 47 13.85 -8.30 -1.89
N ILE B 48 13.37 -7.50 -2.84
CA ILE B 48 14.16 -7.05 -3.97
C ILE B 48 13.84 -5.58 -4.24
N GLN B 49 14.89 -4.80 -4.51
CA GLN B 49 14.76 -3.41 -4.93
C GLN B 49 15.38 -3.25 -6.31
N ALA B 50 14.94 -2.20 -7.01
CA ALA B 50 15.43 -1.88 -8.37
C ALA B 50 15.22 -3.05 -9.32
N ALA B 51 14.15 -3.82 -9.11
CA ALA B 51 13.64 -4.82 -10.04
C ALA B 51 14.54 -6.06 -10.16
N SER B 52 15.82 -5.96 -9.81
CA SER B 52 16.70 -7.12 -9.94
C SER B 52 17.89 -7.06 -8.99
N THR B 53 17.66 -6.62 -7.75
CA THR B 53 18.68 -6.61 -6.71
C THR B 53 18.08 -7.25 -5.47
N LEU B 54 18.39 -8.52 -5.25
CA LEU B 54 17.91 -9.23 -4.07
C LEU B 54 18.50 -8.59 -2.81
N GLN B 55 17.62 -8.17 -1.90
CA GLN B 55 18.08 -7.55 -0.66
C GLN B 55 18.93 -8.52 0.14
N SER B 56 19.91 -7.98 0.86
CA SER B 56 20.87 -8.79 1.59
C SER B 56 20.17 -9.67 2.63
N GLY B 57 20.55 -10.95 2.66
CA GLY B 57 19.97 -11.89 3.59
C GLY B 57 18.80 -12.68 3.06
N VAL B 58 18.10 -12.16 2.06
CA VAL B 58 16.98 -12.89 1.46
C VAL B 58 17.51 -14.10 0.72
N PRO B 59 16.95 -15.30 0.92
CA PRO B 59 17.52 -16.50 0.28
C PRO B 59 17.54 -16.41 -1.23
N SER B 60 18.41 -17.21 -1.84
CA SER B 60 18.64 -17.15 -3.27
C SER B 60 17.42 -17.53 -4.09
N ARG B 61 16.41 -18.15 -3.45
CA ARG B 61 15.19 -18.54 -4.16
C ARG B 61 14.56 -17.34 -4.86
N PHE B 62 14.31 -16.27 -4.10
CA PHE B 62 13.65 -15.09 -4.63
C PHE B 62 14.48 -14.45 -5.73
N SER B 63 13.90 -14.33 -6.92
CA SER B 63 14.55 -13.72 -8.07
C SER B 63 13.62 -12.67 -8.67
N GLY B 64 14.13 -11.46 -8.85
CA GLY B 64 13.38 -10.38 -9.46
C GLY B 64 13.98 -10.02 -10.81
N SER B 65 13.11 -9.73 -11.77
CA SER B 65 13.55 -9.37 -13.11
C SER B 65 12.41 -8.61 -13.79
N GLY B 66 12.67 -8.18 -15.02
CA GLY B 66 11.68 -7.43 -15.77
C GLY B 66 12.12 -5.98 -15.96
N SER B 67 11.66 -5.39 -17.06
CA SER B 67 12.03 -4.02 -17.41
C SER B 67 10.91 -3.39 -18.21
N GLY B 68 10.78 -2.08 -18.07
CA GLY B 68 9.80 -1.33 -18.85
C GLY B 68 8.41 -1.31 -18.26
N THR B 69 7.56 -2.25 -18.70
CA THR B 69 6.16 -2.27 -18.29
C THR B 69 5.71 -3.58 -17.68
N GLU B 70 6.50 -4.66 -17.78
CA GLU B 70 6.15 -5.94 -17.17
C GLU B 70 7.29 -6.38 -16.27
N PHE B 71 6.97 -6.66 -15.01
CA PHE B 71 7.94 -7.09 -14.03
C PHE B 71 7.48 -8.38 -13.38
N THR B 72 8.44 -9.19 -12.93
CA THR B 72 8.14 -10.48 -12.35
C THR B 72 8.97 -10.72 -11.10
N LEU B 73 8.36 -11.34 -10.10
CA LEU B 73 9.06 -11.92 -8.97
C LEU B 73 9.05 -13.43 -9.15
N THR B 74 10.22 -14.05 -9.03
CA THR B 74 10.37 -15.49 -9.24
C THR B 74 10.96 -16.13 -8.00
N ILE B 75 10.23 -17.08 -7.43
CA ILE B 75 10.72 -17.89 -6.33
C ILE B 75 11.13 -19.24 -6.92
N SER B 76 12.45 -19.47 -7.03
CA SER B 76 12.94 -20.62 -7.78
C SER B 76 12.53 -21.94 -7.13
N SER B 77 12.56 -22.00 -5.80
CA SER B 77 12.21 -23.22 -5.07
C SER B 77 11.46 -22.81 -3.80
N LEU B 78 10.13 -22.91 -3.85
CA LEU B 78 9.30 -22.47 -2.74
C LEU B 78 9.55 -23.33 -1.50
N GLN B 79 9.75 -22.68 -0.35
CA GLN B 79 9.92 -23.35 0.93
C GLN B 79 8.72 -23.08 1.83
N PRO B 80 8.54 -23.86 2.90
CA PRO B 80 7.34 -23.69 3.74
C PRO B 80 7.11 -22.27 4.24
N GLU B 81 8.18 -21.52 4.50
CA GLU B 81 8.06 -20.16 5.01
C GLU B 81 7.77 -19.13 3.92
N ASP B 82 7.52 -19.56 2.69
CA ASP B 82 7.29 -18.62 1.60
C ASP B 82 5.81 -18.42 1.29
N PHE B 83 4.92 -19.23 1.87
CA PHE B 83 3.49 -19.00 1.72
C PHE B 83 3.12 -17.71 2.45
N ALA B 84 2.76 -16.70 1.69
CA ALA B 84 2.58 -15.36 2.22
C ALA B 84 1.92 -14.51 1.14
N THR B 85 1.74 -13.23 1.44
CA THR B 85 1.27 -12.26 0.46
C THR B 85 2.46 -11.41 0.00
N TYR B 86 2.51 -11.15 -1.30
CA TYR B 86 3.61 -10.42 -1.92
C TYR B 86 3.08 -9.16 -2.59
N TYR B 87 3.82 -8.06 -2.44
CA TYR B 87 3.41 -6.75 -2.93
C TYR B 87 4.52 -6.18 -3.80
N CYS B 88 4.14 -5.61 -4.95
CA CYS B 88 5.05 -4.77 -5.71
C CYS B 88 4.78 -3.30 -5.38
N GLN B 89 5.81 -2.47 -5.60
CA GLN B 89 5.74 -1.05 -5.33
C GLN B 89 6.52 -0.29 -6.38
N GLN B 90 5.87 0.67 -7.01
CA GLN B 90 6.56 1.57 -7.93
C GLN B 90 7.55 2.43 -7.15
N LEU B 91 8.80 2.46 -7.60
CA LEU B 91 9.84 3.24 -6.96
C LEU B 91 10.03 4.57 -7.69
N ASN B 92 10.60 5.53 -6.98
CA ASN B 92 10.93 6.85 -7.54
C ASN B 92 9.68 7.50 -8.15
N SER B 93 8.60 7.52 -7.37
CA SER B 93 7.35 8.12 -7.80
C SER B 93 6.81 9.02 -6.70
N TYR B 94 6.13 10.09 -7.10
CA TYR B 94 5.47 10.97 -6.15
C TYR B 94 4.37 10.26 -5.38
N ARG B 95 3.84 9.16 -5.91
CA ARG B 95 2.65 8.52 -5.33
C ARG B 95 2.95 7.33 -4.44
N TYR B 96 4.14 6.71 -4.57
CA TYR B 96 4.51 5.54 -3.78
C TYR B 96 3.48 4.41 -3.96
N THR B 97 3.11 4.17 -5.21
CA THR B 97 1.99 3.28 -5.50
C THR B 97 2.36 1.82 -5.24
N PHE B 98 1.47 1.11 -4.55
CA PHE B 98 1.61 -0.32 -4.29
C PHE B 98 0.70 -1.12 -5.22
N GLY B 99 1.09 -2.38 -5.46
CA GLY B 99 0.21 -3.31 -6.13
C GLY B 99 -0.82 -3.88 -5.17
N GLN B 100 -1.79 -4.60 -5.75
CA GLN B 100 -2.88 -5.15 -4.94
C GLN B 100 -2.44 -6.35 -4.11
N GLY B 101 -1.33 -6.96 -4.44
CA GLY B 101 -0.88 -8.08 -3.61
C GLY B 101 -1.25 -9.43 -4.19
N THR B 102 -0.34 -10.39 -4.00
CA THR B 102 -0.55 -11.76 -4.43
C THR B 102 -0.37 -12.69 -3.24
N LYS B 103 -1.39 -13.49 -2.95
CA LYS B 103 -1.35 -14.44 -1.84
C LYS B 103 -0.99 -15.82 -2.39
N VAL B 104 0.14 -16.36 -1.94
CA VAL B 104 0.62 -17.67 -2.36
C VAL B 104 0.22 -18.68 -1.29
N GLU B 105 -0.56 -19.68 -1.69
CA GLU B 105 -1.18 -20.61 -0.76
C GLU B 105 -0.78 -22.05 -1.08
N ILE B 106 -1.11 -22.94 -0.15
CA ILE B 106 -0.66 -24.33 -0.21
C ILE B 106 -1.55 -25.11 -1.17
N LYS B 107 -0.93 -25.68 -2.20
CA LYS B 107 -1.65 -26.48 -3.19
C LYS B 107 -2.07 -27.82 -2.60
N ARG B 108 -3.28 -28.25 -2.95
CA ARG B 108 -3.76 -29.59 -2.62
C ARG B 108 -4.77 -30.02 -3.68
N THR B 109 -5.36 -31.20 -3.48
CA THR B 109 -6.34 -31.69 -4.43
C THR B 109 -7.70 -31.04 -4.20
N VAL B 110 -8.55 -31.15 -5.22
CA VAL B 110 -9.87 -30.54 -5.16
C VAL B 110 -10.73 -31.25 -4.13
N ALA B 111 -11.53 -30.48 -3.40
CA ALA B 111 -12.46 -31.01 -2.41
C ALA B 111 -13.74 -30.22 -2.46
N ALA B 112 -14.86 -30.92 -2.66
CA ALA B 112 -16.15 -30.25 -2.70
C ALA B 112 -16.57 -29.81 -1.30
N PRO B 113 -17.28 -28.69 -1.19
CA PRO B 113 -17.78 -28.26 0.12
C PRO B 113 -19.01 -29.03 0.55
N SER B 114 -19.10 -29.29 1.84
CA SER B 114 -20.36 -29.69 2.46
C SER B 114 -21.16 -28.43 2.76
N VAL B 115 -22.40 -28.38 2.27
CA VAL B 115 -23.23 -27.18 2.35
C VAL B 115 -24.31 -27.39 3.40
N PHE B 116 -24.51 -26.38 4.24
CA PHE B 116 -25.52 -26.37 5.28
C PHE B 116 -26.17 -24.99 5.30
N ILE B 117 -27.48 -24.95 5.49
CA ILE B 117 -28.21 -23.70 5.63
C ILE B 117 -28.90 -23.68 6.98
N PHE B 118 -28.95 -22.51 7.61
CA PHE B 118 -29.49 -22.35 8.95
C PHE B 118 -30.55 -21.25 8.93
N PRO B 119 -31.77 -21.52 9.38
CA PRO B 119 -32.78 -20.45 9.48
C PRO B 119 -32.45 -19.53 10.65
N PRO B 120 -33.06 -18.34 10.69
CA PRO B 120 -32.92 -17.50 11.88
C PRO B 120 -33.59 -18.16 13.08
N SER B 121 -32.95 -18.04 14.24
CA SER B 121 -33.54 -18.58 15.46
C SER B 121 -34.76 -17.76 15.86
N ASP B 122 -35.63 -18.40 16.65
CA ASP B 122 -36.80 -17.69 17.18
C ASP B 122 -36.38 -16.56 18.11
N GLU B 123 -35.26 -16.72 18.81
CA GLU B 123 -34.79 -15.67 19.71
C GLU B 123 -34.41 -14.42 18.93
N GLN B 124 -33.73 -14.58 17.79
CA GLN B 124 -33.35 -13.39 17.01
C GLN B 124 -34.58 -12.74 16.39
N LEU B 125 -35.56 -13.53 15.95
CA LEU B 125 -36.75 -12.97 15.32
C LEU B 125 -37.53 -12.07 16.27
N LYS B 126 -37.51 -12.38 17.58
CA LYS B 126 -38.16 -11.52 18.55
C LYS B 126 -37.54 -10.13 18.56
N SER B 127 -36.27 -10.02 18.17
CA SER B 127 -35.58 -8.73 18.16
C SER B 127 -35.83 -7.93 16.88
N GLY B 128 -36.53 -8.51 15.89
CA GLY B 128 -36.89 -7.79 14.69
C GLY B 128 -35.99 -8.00 13.50
N THR B 129 -34.97 -8.86 13.61
CA THR B 129 -34.03 -9.11 12.52
C THR B 129 -33.92 -10.61 12.29
N ALA B 130 -33.69 -11.00 11.03
CA ALA B 130 -33.53 -12.39 10.64
C ALA B 130 -32.20 -12.56 9.92
N SER B 131 -31.30 -13.34 10.49
CA SER B 131 -30.04 -13.69 9.84
C SER B 131 -30.13 -15.14 9.36
N VAL B 132 -29.97 -15.34 8.05
CA VAL B 132 -29.95 -16.67 7.45
C VAL B 132 -28.51 -16.97 7.07
N VAL B 133 -27.99 -18.12 7.51
CA VAL B 133 -26.58 -18.44 7.38
C VAL B 133 -26.42 -19.65 6.46
N CYS B 134 -25.52 -19.55 5.49
CA CYS B 134 -25.12 -20.64 4.61
C CYS B 134 -23.66 -20.96 4.87
N LEU B 135 -23.36 -22.23 5.12
CA LEU B 135 -22.03 -22.70 5.47
C LEU B 135 -21.48 -23.62 4.39
N LEU B 136 -20.26 -23.35 3.95
CA LEU B 136 -19.52 -24.18 3.00
C LEU B 136 -18.29 -24.68 3.74
N ASN B 137 -18.23 -25.99 3.97
CA ASN B 137 -17.26 -26.57 4.89
C ASN B 137 -16.20 -27.37 4.15
N ASN B 138 -14.93 -27.08 4.45
CA ASN B 138 -13.77 -27.88 4.03
C ASN B 138 -13.76 -28.13 2.52
N PHE B 139 -13.46 -27.07 1.78
CA PHE B 139 -13.38 -27.15 0.32
C PHE B 139 -12.04 -26.61 -0.17
N TYR B 140 -11.74 -26.96 -1.43
CA TYR B 140 -10.55 -26.48 -2.12
C TYR B 140 -10.80 -26.62 -3.61
N PRO B 141 -10.41 -25.63 -4.44
CA PRO B 141 -9.73 -24.38 -4.05
C PRO B 141 -10.68 -23.33 -3.48
N ARG B 142 -10.16 -22.13 -3.20
CA ARG B 142 -10.95 -21.15 -2.46
C ARG B 142 -12.09 -20.57 -3.30
N GLU B 143 -11.94 -20.56 -4.63
CA GLU B 143 -12.97 -19.98 -5.50
C GLU B 143 -14.30 -20.70 -5.33
N ALA B 144 -15.28 -20.02 -4.76
CA ALA B 144 -16.62 -20.58 -4.59
C ALA B 144 -17.64 -19.46 -4.70
N LYS B 145 -18.81 -19.80 -5.22
CA LYS B 145 -19.87 -18.84 -5.48
C LYS B 145 -21.13 -19.24 -4.72
N VAL B 146 -21.64 -18.32 -3.92
CA VAL B 146 -22.84 -18.53 -3.11
C VAL B 146 -23.92 -17.59 -3.62
N GLN B 147 -25.02 -18.15 -4.11
CA GLN B 147 -26.14 -17.38 -4.61
C GLN B 147 -27.33 -17.60 -3.69
N TRP B 148 -27.74 -16.54 -2.99
CA TRP B 148 -28.94 -16.59 -2.16
C TRP B 148 -30.18 -16.45 -3.03
N LYS B 149 -31.22 -17.20 -2.68
CA LYS B 149 -32.49 -17.14 -3.38
C LYS B 149 -33.62 -17.10 -2.37
N VAL B 150 -34.57 -16.20 -2.59
CA VAL B 150 -35.73 -16.03 -1.72
C VAL B 150 -36.96 -16.08 -2.60
N ASP B 151 -37.75 -17.15 -2.48
CA ASP B 151 -38.86 -17.43 -3.40
C ASP B 151 -38.39 -17.39 -4.85
N ASN B 152 -37.20 -17.95 -5.09
CA ASN B 152 -36.54 -18.09 -6.38
C ASN B 152 -36.01 -16.77 -6.94
N ALA B 153 -36.02 -15.69 -6.18
CA ALA B 153 -35.46 -14.43 -6.61
C ALA B 153 -34.00 -14.33 -6.14
N LEU B 154 -33.09 -14.09 -7.08
CA LEU B 154 -31.68 -14.03 -6.72
C LEU B 154 -31.40 -12.78 -5.90
N GLN B 155 -30.86 -12.96 -4.70
CA GLN B 155 -30.59 -11.85 -3.80
C GLN B 155 -29.17 -11.34 -3.99
N SER B 156 -29.02 -10.02 -4.02
CA SER B 156 -27.71 -9.39 -4.02
C SER B 156 -27.83 -8.07 -3.28
N GLY B 157 -26.80 -7.75 -2.49
CA GLY B 157 -26.74 -6.52 -1.75
C GLY B 157 -27.08 -6.64 -0.28
N ASN B 158 -27.65 -7.77 0.15
CA ASN B 158 -28.05 -7.97 1.53
C ASN B 158 -27.37 -9.19 2.16
N SER B 159 -26.16 -9.50 1.71
CA SER B 159 -25.42 -10.61 2.29
C SER B 159 -23.95 -10.23 2.44
N GLN B 160 -23.31 -10.82 3.43
CA GLN B 160 -21.89 -10.68 3.66
C GLN B 160 -21.29 -12.07 3.89
N GLU B 161 -20.03 -12.23 3.55
CA GLU B 161 -19.41 -13.55 3.68
C GLU B 161 -18.00 -13.40 4.21
N SER B 162 -17.48 -14.51 4.71
CA SER B 162 -16.20 -14.58 5.39
C SER B 162 -15.59 -15.95 5.17
N VAL B 163 -14.28 -15.98 4.92
CA VAL B 163 -13.56 -17.21 4.60
C VAL B 163 -12.44 -17.38 5.62
N THR B 164 -12.26 -18.61 6.10
CA THR B 164 -11.16 -18.92 7.00
C THR B 164 -9.85 -18.99 6.23
N GLU B 165 -8.74 -18.98 6.97
CA GLU B 165 -7.45 -19.31 6.38
C GLU B 165 -7.36 -20.81 6.17
N GLN B 166 -6.42 -21.21 5.31
CA GLN B 166 -6.24 -22.63 5.01
C GLN B 166 -6.02 -23.42 6.29
N ASP B 167 -6.80 -24.48 6.47
CA ASP B 167 -6.69 -25.32 7.66
C ASP B 167 -5.27 -25.86 7.78
N SER B 168 -4.75 -25.83 9.00
CA SER B 168 -3.37 -26.27 9.23
C SER B 168 -3.20 -27.76 8.95
N LYS B 169 -4.28 -28.54 8.94
CA LYS B 169 -4.19 -29.98 8.76
C LYS B 169 -4.46 -30.43 7.33
N ASP B 170 -5.59 -30.01 6.74
CA ASP B 170 -5.98 -30.49 5.41
C ASP B 170 -5.96 -29.40 4.34
N SER B 171 -5.51 -28.19 4.68
CA SER B 171 -5.31 -27.11 3.72
C SER B 171 -6.59 -26.71 2.99
N THR B 172 -7.76 -27.00 3.55
CA THR B 172 -9.02 -26.59 2.95
C THR B 172 -9.44 -25.24 3.51
N TYR B 173 -10.43 -24.64 2.85
CA TYR B 173 -11.09 -23.44 3.33
C TYR B 173 -12.51 -23.78 3.77
N SER B 174 -13.07 -22.88 4.57
CA SER B 174 -14.49 -22.88 4.88
C SER B 174 -15.02 -21.48 4.71
N LEU B 175 -16.30 -21.37 4.33
CA LEU B 175 -16.94 -20.10 4.03
C LEU B 175 -18.27 -20.02 4.76
N SER B 176 -18.58 -18.83 5.27
CA SER B 176 -19.86 -18.52 5.89
C SER B 176 -20.48 -17.34 5.17
N SER B 177 -21.76 -17.44 4.84
CA SER B 177 -22.49 -16.36 4.19
C SER B 177 -23.76 -16.09 4.98
N THR B 178 -23.99 -14.82 5.31
CA THR B 178 -25.11 -14.41 6.13
C THR B 178 -26.02 -13.49 5.32
N LEU B 179 -27.27 -13.89 5.17
CA LEU B 179 -28.31 -13.07 4.54
C LEU B 179 -29.10 -12.39 5.65
N THR B 180 -29.16 -11.06 5.62
CA THR B 180 -29.79 -10.29 6.68
C THR B 180 -31.04 -9.61 6.14
N LEU B 181 -32.18 -9.91 6.76
CA LEU B 181 -33.44 -9.26 6.44
C LEU B 181 -34.08 -8.77 7.73
N SER B 182 -34.98 -7.79 7.59
CA SER B 182 -35.85 -7.46 8.70
C SER B 182 -36.86 -8.58 8.90
N LYS B 183 -37.37 -8.68 10.13
CA LYS B 183 -38.39 -9.69 10.41
C LYS B 183 -39.59 -9.55 9.49
N ALA B 184 -39.99 -8.31 9.19
CA ALA B 184 -41.12 -8.09 8.30
C ALA B 184 -40.85 -8.65 6.92
N ASP B 185 -39.68 -8.33 6.34
CA ASP B 185 -39.34 -8.88 5.02
C ASP B 185 -39.24 -10.39 5.05
N TYR B 186 -38.62 -10.94 6.11
CA TYR B 186 -38.45 -12.38 6.21
C TYR B 186 -39.78 -13.11 6.18
N GLU B 187 -40.81 -12.51 6.78
CA GLU B 187 -42.12 -13.14 6.87
C GLU B 187 -42.99 -12.91 5.65
N LYS B 188 -42.48 -12.25 4.61
CA LYS B 188 -43.21 -12.11 3.36
C LYS B 188 -42.88 -13.21 2.35
N HIS B 189 -41.94 -14.10 2.67
CA HIS B 189 -41.47 -15.10 1.74
C HIS B 189 -41.37 -16.45 2.42
N LYS B 190 -41.39 -17.51 1.61
CA LYS B 190 -41.44 -18.88 2.11
C LYS B 190 -40.12 -19.61 1.92
N VAL B 191 -39.62 -19.70 0.70
CA VAL B 191 -38.49 -20.56 0.37
C VAL B 191 -37.19 -19.76 0.46
N TYR B 192 -36.26 -20.22 1.29
CA TYR B 192 -34.95 -19.61 1.44
C TYR B 192 -33.88 -20.63 1.08
N ALA B 193 -33.01 -20.28 0.13
CA ALA B 193 -32.05 -21.22 -0.42
C ALA B 193 -30.72 -20.53 -0.69
N CYS B 194 -29.62 -21.26 -0.50
CA CYS B 194 -28.32 -20.86 -1.01
C CYS B 194 -27.82 -21.90 -1.98
N GLU B 195 -27.45 -21.45 -3.18
CA GLU B 195 -26.98 -22.30 -4.27
C GLU B 195 -25.47 -22.11 -4.39
N VAL B 196 -24.73 -23.21 -4.28
CA VAL B 196 -23.28 -23.20 -4.22
C VAL B 196 -22.72 -23.80 -5.50
N THR B 197 -21.85 -23.06 -6.18
CA THR B 197 -21.11 -23.56 -7.32
C THR B 197 -19.63 -23.60 -6.97
N HIS B 198 -18.97 -24.71 -7.30
CA HIS B 198 -17.58 -24.93 -6.94
C HIS B 198 -17.01 -26.00 -7.86
N GLN B 199 -15.69 -25.95 -8.06
CA GLN B 199 -15.04 -26.87 -9.00
C GLN B 199 -15.28 -28.33 -8.62
N GLY B 200 -15.40 -28.62 -7.33
CA GLY B 200 -15.61 -29.98 -6.88
C GLY B 200 -17.02 -30.51 -7.04
N LEU B 201 -17.96 -29.70 -7.53
CA LEU B 201 -19.34 -30.11 -7.71
C LEU B 201 -19.65 -30.19 -9.19
N SER B 202 -20.19 -31.33 -9.63
CA SER B 202 -20.53 -31.50 -11.04
C SER B 202 -21.65 -30.54 -11.46
N SER B 203 -22.52 -30.18 -10.53
CA SER B 203 -23.57 -29.20 -10.76
C SER B 203 -23.78 -28.43 -9.46
N PRO B 204 -24.35 -27.22 -9.53
CA PRO B 204 -24.54 -26.43 -8.32
C PRO B 204 -25.43 -27.14 -7.30
N VAL B 205 -25.00 -27.09 -6.03
CA VAL B 205 -25.72 -27.71 -4.93
C VAL B 205 -26.55 -26.65 -4.23
N THR B 206 -27.82 -26.96 -3.96
CA THR B 206 -28.73 -26.03 -3.28
C THR B 206 -29.23 -26.66 -1.99
N LYS B 207 -29.06 -25.95 -0.89
CA LYS B 207 -29.70 -26.27 0.38
C LYS B 207 -30.75 -25.20 0.68
N SER B 208 -31.92 -25.63 1.15
CA SER B 208 -33.02 -24.70 1.32
C SER B 208 -33.87 -25.13 2.50
N PHE B 209 -34.72 -24.20 2.94
CA PHE B 209 -35.75 -24.49 3.93
C PHE B 209 -36.96 -23.62 3.63
N ASN B 210 -38.11 -24.04 4.14
CA ASN B 210 -39.35 -23.28 4.06
C ASN B 210 -39.60 -22.63 5.42
N ARG B 211 -39.83 -21.32 5.41
CA ARG B 211 -40.11 -20.61 6.66
C ARG B 211 -41.37 -21.18 7.32
N GLY B 212 -41.25 -21.55 8.60
CA GLY B 212 -42.35 -22.06 9.37
C GLY B 212 -42.41 -23.57 9.47
N GLU B 213 -41.85 -24.29 8.50
CA GLU B 213 -41.84 -25.74 8.49
C GLU B 213 -40.54 -26.24 9.11
N CYS B 214 -40.64 -27.22 10.02
CA CYS B 214 -39.45 -27.70 10.73
C CYS B 214 -38.42 -28.27 9.76
N ASN C 11 29.63 41.71 -30.52
CA ASN C 11 29.49 40.26 -30.69
C ASN C 11 28.22 39.74 -30.02
N LEU C 12 27.73 38.60 -30.50
CA LEU C 12 26.48 38.04 -30.02
C LEU C 12 26.74 37.04 -28.91
N CYS C 13 25.81 37.00 -27.95
CA CYS C 13 25.97 36.13 -26.79
C CYS C 13 25.92 34.66 -27.22
N PRO C 14 26.77 33.81 -26.64
CA PRO C 14 26.88 32.41 -27.07
C PRO C 14 25.81 31.49 -26.49
N PHE C 15 24.55 31.88 -26.64
CA PHE C 15 23.46 31.04 -26.15
C PHE C 15 23.37 29.73 -26.93
N GLY C 16 23.85 29.72 -28.18
CA GLY C 16 23.85 28.48 -28.95
C GLY C 16 24.71 27.40 -28.33
N GLU C 17 25.84 27.81 -27.73
CA GLU C 17 26.72 26.84 -27.08
C GLU C 17 26.04 26.14 -25.92
N VAL C 18 25.12 26.82 -25.24
CA VAL C 18 24.43 26.23 -24.09
C VAL C 18 23.25 25.39 -24.51
N PHE C 19 22.33 25.95 -25.31
CA PHE C 19 21.10 25.24 -25.64
C PHE C 19 21.36 24.07 -26.59
N ASN C 20 22.27 24.25 -27.55
CA ASN C 20 22.54 23.23 -28.55
C ASN C 20 23.79 22.41 -28.23
N ALA C 21 24.21 22.39 -26.97
CA ALA C 21 25.39 21.62 -26.60
C ALA C 21 25.15 20.13 -26.81
N THR C 22 26.21 19.42 -27.21
CA THR C 22 26.07 18.00 -27.51
C THR C 22 25.90 17.17 -26.24
N ARG C 23 26.64 17.52 -25.19
CA ARG C 23 26.56 16.81 -23.92
C ARG C 23 26.09 17.75 -22.83
N PHE C 24 25.16 17.27 -22.00
CA PHE C 24 24.65 17.99 -20.86
C PHE C 24 25.15 17.36 -19.57
N ALA C 25 25.14 18.14 -18.49
CA ALA C 25 25.69 17.70 -17.23
C ALA C 25 24.64 16.96 -16.39
N SER C 26 25.13 16.13 -15.48
CA SER C 26 24.27 15.59 -14.44
C SER C 26 23.86 16.72 -13.49
N VAL C 27 22.64 16.61 -12.96
CA VAL C 27 22.05 17.74 -12.25
C VAL C 27 22.82 18.05 -10.97
N TYR C 28 23.38 17.04 -10.30
CA TYR C 28 24.16 17.31 -9.10
C TYR C 28 25.40 18.12 -9.43
N ALA C 29 25.99 17.91 -10.61
CA ALA C 29 27.16 18.66 -11.03
C ALA C 29 26.78 19.61 -12.16
N TRP C 30 25.73 20.40 -11.95
CA TRP C 30 25.18 21.24 -13.01
C TRP C 30 26.23 22.21 -13.53
N ASN C 31 26.15 22.48 -14.82
CA ASN C 31 27.11 23.33 -15.50
C ASN C 31 26.62 24.78 -15.50
N ARG C 32 27.56 25.71 -15.35
CA ARG C 32 27.24 27.14 -15.35
C ARG C 32 28.09 27.85 -16.40
N LYS C 33 27.44 28.54 -17.32
CA LYS C 33 28.11 29.39 -18.29
C LYS C 33 27.87 30.84 -17.90
N ARG C 34 28.96 31.58 -17.72
CA ARG C 34 28.89 33.00 -17.37
C ARG C 34 28.93 33.82 -18.66
N ILE C 35 27.89 34.62 -18.89
CA ILE C 35 27.71 35.36 -20.13
C ILE C 35 27.95 36.83 -19.85
N SER C 36 28.88 37.43 -20.59
CA SER C 36 29.27 38.82 -20.38
C SER C 36 29.67 39.46 -21.69
N ASN C 37 29.52 40.78 -21.75
CA ASN C 37 30.01 41.62 -22.84
C ASN C 37 29.58 41.07 -24.21
N CYS C 38 28.28 41.12 -24.44
CA CYS C 38 27.72 40.64 -25.70
C CYS C 38 26.29 41.13 -25.83
N VAL C 39 25.80 41.12 -27.06
CA VAL C 39 24.42 41.49 -27.36
C VAL C 39 23.59 40.21 -27.39
N ALA C 40 22.55 40.16 -26.57
CA ALA C 40 21.71 38.96 -26.43
C ALA C 40 20.47 39.12 -27.29
N ASP C 41 20.29 38.20 -28.24
CA ASP C 41 19.10 38.15 -29.07
C ASP C 41 18.19 37.07 -28.48
N TYR C 42 17.27 37.49 -27.61
CA TYR C 42 16.34 36.56 -26.99
C TYR C 42 15.22 36.14 -27.92
N SER C 43 15.10 36.76 -29.09
CA SER C 43 14.10 36.34 -30.06
C SER C 43 14.32 34.90 -30.50
N VAL C 44 15.57 34.43 -30.41
CA VAL C 44 15.87 33.05 -30.77
C VAL C 44 15.19 32.07 -29.82
N LEU C 45 14.93 32.49 -28.58
CA LEU C 45 14.44 31.58 -27.56
C LEU C 45 12.92 31.55 -27.47
N TYR C 46 12.28 32.71 -27.31
CA TYR C 46 10.83 32.70 -27.13
C TYR C 46 10.07 32.51 -28.44
N ASN C 47 10.74 32.60 -29.58
CA ASN C 47 10.13 32.29 -30.87
C ASN C 47 10.41 30.86 -31.32
N SER C 48 10.88 30.01 -30.42
CA SER C 48 11.17 28.61 -30.72
C SER C 48 10.01 27.74 -30.25
N ALA C 49 9.57 26.84 -31.13
CA ALA C 49 8.48 25.92 -30.83
C ALA C 49 8.99 24.58 -30.31
N SER C 50 10.22 24.53 -29.81
CA SER C 50 10.85 23.29 -29.40
C SER C 50 11.01 23.17 -27.89
N PHE C 51 10.43 24.09 -27.12
CA PHE C 51 10.51 24.07 -25.66
C PHE C 51 9.16 23.67 -25.08
N SER C 52 9.20 22.77 -24.10
CA SER C 52 7.99 22.37 -23.39
C SER C 52 7.77 23.17 -22.12
N THR C 53 8.82 23.75 -21.55
CA THR C 53 8.73 24.61 -20.38
C THR C 53 9.49 25.90 -20.66
N PHE C 54 8.82 27.04 -20.43
CA PHE C 54 9.45 28.35 -20.61
C PHE C 54 8.74 29.29 -19.62
N LYS C 55 9.20 29.25 -18.36
CA LYS C 55 8.62 30.06 -17.31
C LYS C 55 9.66 31.05 -16.81
N CYS C 56 9.28 32.32 -16.77
CA CYS C 56 10.17 33.39 -16.34
C CYS C 56 9.64 34.03 -15.07
N TYR C 57 10.55 34.49 -14.22
CA TYR C 57 10.22 35.04 -12.91
C TYR C 57 10.87 36.40 -12.76
N GLY C 58 10.05 37.40 -12.41
CA GLY C 58 10.56 38.75 -12.25
C GLY C 58 11.00 39.41 -13.54
N VAL C 59 10.57 38.87 -14.69
CA VAL C 59 10.92 39.44 -15.99
C VAL C 59 9.98 38.87 -17.05
N SER C 60 9.69 39.69 -18.08
CA SER C 60 8.84 39.22 -19.19
C SER C 60 9.71 38.72 -20.33
N PRO C 61 9.38 37.57 -20.92
CA PRO C 61 10.27 37.03 -21.97
C PRO C 61 10.34 37.91 -23.22
N THR C 62 9.19 38.36 -23.71
CA THR C 62 9.18 39.19 -24.92
C THR C 62 9.83 40.55 -24.69
N LYS C 63 9.73 41.06 -23.46
CA LYS C 63 10.28 42.36 -23.10
C LYS C 63 11.74 42.27 -22.66
N LEU C 64 12.42 41.17 -22.97
CA LEU C 64 13.79 40.96 -22.52
C LEU C 64 14.83 41.63 -23.41
N ASN C 65 14.49 41.90 -24.68
CA ASN C 65 15.46 42.51 -25.59
C ASN C 65 15.73 43.98 -25.28
N ASP C 66 14.96 44.58 -24.36
CA ASP C 66 15.11 45.99 -24.03
C ASP C 66 15.83 46.21 -22.70
N LEU C 67 16.36 45.15 -22.10
CA LEU C 67 16.96 45.23 -20.77
C LEU C 67 18.46 44.94 -20.84
N CYS C 68 19.24 45.70 -20.07
CA CYS C 68 20.65 45.43 -19.86
C CYS C 68 20.85 44.85 -18.47
N PHE C 69 21.75 43.88 -18.38
CA PHE C 69 22.12 43.29 -17.10
C PHE C 69 23.64 43.28 -16.97
N THR C 70 24.11 43.20 -15.72
CA THR C 70 25.55 43.17 -15.48
C THR C 70 26.13 41.82 -15.87
N ASN C 71 25.46 40.73 -15.48
CA ASN C 71 25.85 39.39 -15.87
C ASN C 71 24.62 38.55 -16.11
N VAL C 72 24.74 37.59 -17.02
CA VAL C 72 23.74 36.56 -17.24
C VAL C 72 24.39 35.21 -17.02
N TYR C 73 23.70 34.33 -16.29
CA TYR C 73 24.18 32.97 -16.03
C TYR C 73 23.26 31.97 -16.70
N ALA C 74 23.86 30.98 -17.36
CA ALA C 74 23.12 29.91 -18.03
C ALA C 74 23.53 28.59 -17.39
N ASP C 75 22.67 28.07 -16.52
CA ASP C 75 22.87 26.79 -15.87
C ASP C 75 22.10 25.70 -16.61
N SER C 76 22.74 24.55 -16.80
CA SER C 76 22.17 23.47 -17.60
C SER C 76 22.49 22.12 -16.99
N PHE C 77 21.55 21.19 -17.15
CA PHE C 77 21.60 19.86 -16.58
C PHE C 77 20.44 19.04 -17.15
N VAL C 78 20.35 17.79 -16.73
CA VAL C 78 19.30 16.88 -17.16
C VAL C 78 18.61 16.31 -15.93
N ILE C 79 17.28 16.28 -15.96
CA ILE C 79 16.46 15.70 -14.90
C ILE C 79 15.28 14.97 -15.56
N ARG C 80 14.44 14.37 -14.72
CA ARG C 80 13.20 13.76 -15.20
C ARG C 80 12.17 14.82 -15.53
N GLY C 81 11.23 14.45 -16.41
CA GLY C 81 10.10 15.32 -16.67
C GLY C 81 9.26 15.55 -15.43
N ASP C 82 9.13 14.51 -14.60
CA ASP C 82 8.47 14.63 -13.30
C ASP C 82 9.06 15.74 -12.44
N GLU C 83 10.32 16.11 -12.67
CA GLU C 83 11.06 16.97 -11.77
C GLU C 83 11.28 18.38 -12.29
N VAL C 84 10.89 18.69 -13.53
CA VAL C 84 11.00 20.05 -14.05
C VAL C 84 10.22 21.03 -13.18
N ARG C 85 9.11 20.57 -12.58
CA ARG C 85 8.33 21.41 -11.69
C ARG C 85 9.11 21.85 -10.46
N GLN C 86 10.20 21.16 -10.12
CA GLN C 86 11.01 21.54 -8.96
C GLN C 86 12.01 22.65 -9.26
N ILE C 87 12.25 22.95 -10.54
CA ILE C 87 13.19 24.02 -10.91
C ILE C 87 12.36 25.31 -10.95
N ALA C 88 12.04 25.81 -9.77
CA ALA C 88 11.21 26.99 -9.61
C ALA C 88 11.36 27.49 -8.18
N PRO C 89 11.07 28.76 -7.92
CA PRO C 89 11.17 29.27 -6.55
C PRO C 89 10.20 28.56 -5.62
N GLY C 90 10.66 28.26 -4.42
CA GLY C 90 9.79 27.75 -3.37
C GLY C 90 9.41 26.30 -3.48
N GLN C 91 10.13 25.50 -4.26
CA GLN C 91 9.83 24.09 -4.43
C GLN C 91 10.68 23.22 -3.51
N THR C 92 10.15 22.04 -3.20
CA THR C 92 10.87 21.02 -2.45
C THR C 92 10.84 19.72 -3.24
N GLY C 93 11.65 18.76 -2.79
CA GLY C 93 11.87 17.53 -3.50
C GLY C 93 13.36 17.24 -3.65
N LYS C 94 13.64 16.01 -4.11
CA LYS C 94 15.03 15.55 -4.19
C LYS C 94 15.89 16.49 -5.04
N ILE C 95 15.33 17.00 -6.13
CA ILE C 95 16.10 17.86 -7.03
C ILE C 95 16.28 19.24 -6.41
N ALA C 96 15.19 19.84 -5.92
CA ALA C 96 15.30 21.18 -5.34
C ALA C 96 16.08 21.16 -4.03
N ASP C 97 15.92 20.11 -3.23
CA ASP C 97 16.57 20.08 -1.92
C ASP C 97 18.05 19.73 -2.01
N TYR C 98 18.42 18.83 -2.92
CA TYR C 98 19.75 18.22 -2.88
C TYR C 98 20.56 18.37 -4.16
N ASN C 99 20.01 18.98 -5.21
CA ASN C 99 20.72 19.03 -6.48
C ASN C 99 20.83 20.44 -7.04
N TYR C 100 19.70 21.10 -7.28
CA TYR C 100 19.71 22.45 -7.84
C TYR C 100 18.57 23.25 -7.21
N LYS C 101 18.91 24.37 -6.57
CA LYS C 101 17.98 25.14 -5.77
C LYS C 101 17.93 26.58 -6.27
N LEU C 102 16.72 27.06 -6.59
CA LEU C 102 16.49 28.45 -6.97
C LEU C 102 16.02 29.27 -5.77
N PRO C 103 16.43 30.53 -5.66
CA PRO C 103 16.00 31.36 -4.54
C PRO C 103 14.54 31.78 -4.67
N ASP C 104 13.99 32.25 -3.56
CA ASP C 104 12.61 32.77 -3.58
C ASP C 104 12.50 34.00 -4.47
N ASP C 105 13.48 34.89 -4.41
CA ASP C 105 13.48 36.12 -5.21
C ASP C 105 14.13 35.93 -6.58
N PHE C 106 14.05 34.73 -7.13
CA PHE C 106 14.69 34.42 -8.41
C PHE C 106 14.24 35.38 -9.49
N THR C 107 15.22 35.87 -10.27
CA THR C 107 14.96 36.73 -11.42
C THR C 107 15.59 36.06 -12.63
N GLY C 108 14.76 35.36 -13.42
CA GLY C 108 15.27 34.71 -14.60
C GLY C 108 14.21 33.84 -15.25
N CYS C 109 14.67 32.90 -16.08
CA CYS C 109 13.80 32.03 -16.85
C CYS C 109 14.26 30.59 -16.73
N VAL C 110 13.28 29.67 -16.64
CA VAL C 110 13.54 28.24 -16.60
C VAL C 110 13.01 27.64 -17.90
N ILE C 111 13.91 27.02 -18.67
CA ILE C 111 13.60 26.50 -20.00
C ILE C 111 13.94 25.01 -20.01
N ALA C 112 13.01 24.19 -20.51
CA ALA C 112 13.18 22.75 -20.55
C ALA C 112 12.57 22.19 -21.83
N TRP C 113 13.06 21.01 -22.22
CA TRP C 113 12.51 20.29 -23.36
C TRP C 113 12.85 18.81 -23.24
N ASN C 114 12.01 17.99 -23.86
CA ASN C 114 12.19 16.55 -23.81
C ASN C 114 13.40 16.15 -24.65
N SER C 115 14.27 15.31 -24.08
CA SER C 115 15.47 14.85 -24.77
C SER C 115 15.56 13.33 -24.75
N ASN C 116 14.42 12.65 -24.81
CA ASN C 116 14.43 11.18 -24.78
C ASN C 116 15.16 10.61 -25.98
N ASN C 117 15.16 11.32 -27.10
CA ASN C 117 15.85 10.85 -28.29
C ASN C 117 17.37 10.83 -28.13
N LEU C 118 17.90 11.66 -27.23
CA LEU C 118 19.34 11.83 -27.05
C LEU C 118 19.88 11.19 -25.79
N ASP C 119 19.14 11.21 -24.69
CA ASP C 119 19.66 10.85 -23.38
C ASP C 119 19.17 9.51 -22.86
N SER C 120 18.49 8.73 -23.69
CA SER C 120 18.09 7.38 -23.32
C SER C 120 18.74 6.37 -24.26
N LYS C 121 19.29 5.31 -23.69
CA LYS C 121 19.87 4.21 -24.44
C LYS C 121 19.02 2.97 -24.30
N VAL C 122 19.23 2.01 -25.20
CA VAL C 122 18.34 0.85 -25.28
C VAL C 122 18.43 0.03 -23.99
N GLY C 123 19.65 -0.33 -23.58
CA GLY C 123 19.82 -1.04 -22.33
C GLY C 123 19.63 -0.18 -21.09
N GLY C 124 19.36 1.11 -21.26
CA GLY C 124 19.25 2.02 -20.15
C GLY C 124 20.46 2.92 -20.02
N ASN C 125 20.24 4.23 -20.08
CA ASN C 125 21.33 5.18 -19.90
C ASN C 125 21.49 5.47 -18.41
N TYR C 126 22.72 5.33 -17.93
CA TYR C 126 23.03 5.54 -16.52
C TYR C 126 24.06 6.64 -16.29
N ASN C 127 24.50 7.33 -17.35
CA ASN C 127 25.51 8.38 -17.20
C ASN C 127 24.98 9.60 -16.47
N TYR C 128 23.66 9.73 -16.30
CA TYR C 128 23.06 10.87 -15.63
C TYR C 128 22.75 10.50 -14.18
N LEU C 129 23.25 11.30 -13.24
CA LEU C 129 23.11 11.04 -11.82
C LEU C 129 22.42 12.21 -11.14
N TYR C 130 21.90 11.94 -9.95
CA TYR C 130 21.37 12.96 -9.06
C TYR C 130 21.74 12.60 -7.63
N ARG C 131 21.89 13.62 -6.79
CA ARG C 131 22.18 13.39 -5.39
C ARG C 131 20.92 12.94 -4.66
N LEU C 132 21.02 11.81 -3.97
CA LEU C 132 19.90 11.25 -3.23
C LEU C 132 19.99 11.53 -1.74
N PHE C 133 21.21 11.53 -1.19
CA PHE C 133 21.41 11.69 0.24
C PHE C 133 22.21 12.96 0.52
N ARG C 134 21.68 13.78 1.43
CA ARG C 134 22.37 14.96 1.92
C ARG C 134 21.73 15.35 3.25
N LYS C 135 22.58 15.68 4.23
CA LYS C 135 22.08 15.96 5.57
C LYS C 135 21.16 17.17 5.60
N SER C 136 21.38 18.16 4.74
CA SER C 136 20.57 19.37 4.77
C SER C 136 20.38 19.88 3.35
N ASN C 137 19.38 20.76 3.20
CA ASN C 137 19.04 21.27 1.88
C ASN C 137 20.14 22.16 1.34
N LEU C 138 20.25 22.21 0.01
CA LEU C 138 21.15 23.14 -0.63
C LEU C 138 20.68 24.57 -0.45
N LYS C 139 21.64 25.49 -0.41
CA LYS C 139 21.33 26.89 -0.55
C LYS C 139 21.10 27.20 -2.02
N PRO C 140 20.45 28.33 -2.34
CA PRO C 140 20.26 28.70 -3.74
C PRO C 140 21.58 28.77 -4.49
N PHE C 141 21.59 28.17 -5.69
CA PHE C 141 22.75 28.17 -6.58
C PHE C 141 23.97 27.50 -5.93
N GLU C 142 23.74 26.56 -5.02
CA GLU C 142 24.81 25.77 -4.45
C GLU C 142 25.02 24.51 -5.27
N ARG C 143 26.29 24.12 -5.45
CA ARG C 143 26.68 22.99 -6.28
C ARG C 143 27.52 22.04 -5.44
N ASP C 144 26.98 20.86 -5.14
CA ASP C 144 27.64 19.87 -4.29
C ASP C 144 28.06 18.69 -5.16
N ILE C 145 29.37 18.48 -5.29
CA ILE C 145 29.90 17.38 -6.09
C ILE C 145 30.61 16.36 -5.21
N SER C 146 30.34 16.37 -3.91
CA SER C 146 30.94 15.40 -3.01
C SER C 146 30.45 13.99 -3.31
N THR C 147 31.35 13.02 -3.18
CA THR C 147 31.00 11.61 -3.29
C THR C 147 31.19 10.87 -1.97
N GLU C 148 31.26 11.59 -0.87
CA GLU C 148 31.49 10.98 0.43
C GLU C 148 30.35 10.03 0.78
N ILE C 149 30.72 8.87 1.33
CA ILE C 149 29.73 7.88 1.74
C ILE C 149 28.87 8.48 2.85
N TYR C 150 27.56 8.36 2.70
CA TYR C 150 26.60 9.03 3.57
C TYR C 150 26.30 8.16 4.79
N GLN C 151 26.35 8.77 5.97
CA GLN C 151 26.16 8.05 7.24
C GLN C 151 24.70 8.16 7.63
N ALA C 152 23.93 7.10 7.34
CA ALA C 152 22.52 7.05 7.70
C ALA C 152 22.26 6.54 9.11
N GLY C 153 23.29 6.06 9.82
CA GLY C 153 23.10 5.55 11.16
C GLY C 153 24.09 6.05 12.18
N SER C 154 24.31 5.25 13.23
CA SER C 154 25.14 5.67 14.34
C SER C 154 26.62 5.46 14.05
N THR C 155 26.98 4.36 13.41
CA THR C 155 28.39 4.02 13.23
C THR C 155 28.98 4.81 12.05
N PRO C 156 30.22 5.27 12.16
CA PRO C 156 30.84 5.99 11.05
C PRO C 156 31.14 5.06 9.88
N CYS C 157 31.15 5.65 8.68
CA CYS C 157 31.29 4.86 7.47
C CYS C 157 32.72 4.69 7.02
N ASN C 158 33.59 5.67 7.29
CA ASN C 158 35.01 5.61 6.93
C ASN C 158 35.20 5.37 5.43
N GLY C 159 34.27 5.89 4.62
CA GLY C 159 34.37 5.74 3.18
C GLY C 159 34.07 4.36 2.64
N VAL C 160 33.49 3.48 3.43
CA VAL C 160 33.12 2.13 2.99
C VAL C 160 31.61 2.04 2.93
N GLU C 161 31.10 1.49 1.83
CA GLU C 161 29.67 1.30 1.69
C GLU C 161 29.21 0.09 2.51
N GLY C 162 27.90 -0.04 2.65
CA GLY C 162 27.33 -1.07 3.49
C GLY C 162 26.06 -0.56 4.13
N PHE C 163 25.58 -1.33 5.11
CA PHE C 163 24.35 -0.96 5.81
C PHE C 163 24.54 0.39 6.50
N ASN C 164 23.53 1.25 6.35
CA ASN C 164 23.53 2.60 6.90
C ASN C 164 24.69 3.45 6.38
N CYS C 165 25.29 3.05 5.25
CA CYS C 165 26.46 3.75 4.72
C CYS C 165 26.37 3.71 3.19
N TYR C 166 25.75 4.73 2.62
CA TYR C 166 25.32 4.70 1.23
C TYR C 166 26.10 5.67 0.36
N PHE C 167 26.37 5.26 -0.86
CA PHE C 167 26.90 6.17 -1.86
C PHE C 167 25.87 7.25 -2.14
N PRO C 168 26.23 8.54 -2.14
CA PRO C 168 25.21 9.60 -2.11
C PRO C 168 24.49 9.83 -3.42
N LEU C 169 25.04 9.39 -4.54
CA LEU C 169 24.45 9.65 -5.84
C LEU C 169 23.66 8.44 -6.33
N GLN C 170 22.62 8.71 -7.10
CA GLN C 170 21.79 7.68 -7.70
C GLN C 170 21.68 7.93 -9.19
N SER C 171 21.54 6.86 -9.96
CA SER C 171 21.47 6.97 -11.40
C SER C 171 20.02 7.04 -11.87
N TYR C 172 19.78 7.87 -12.87
CA TYR C 172 18.52 7.81 -13.60
C TYR C 172 18.52 6.59 -14.51
N GLY C 173 17.34 5.99 -14.68
CA GLY C 173 17.20 4.88 -15.60
C GLY C 173 16.48 5.30 -16.87
N PHE C 174 17.19 6.02 -17.75
CA PHE C 174 16.58 6.61 -18.94
C PHE C 174 16.53 5.57 -20.05
N GLN C 175 15.36 4.96 -20.23
CA GLN C 175 15.08 4.05 -21.32
C GLN C 175 13.98 4.62 -22.19
N PRO C 176 13.99 4.34 -23.50
CA PRO C 176 12.97 4.94 -24.38
C PRO C 176 11.55 4.54 -24.04
N THR C 177 11.35 3.40 -23.38
CA THR C 177 10.03 2.91 -23.04
C THR C 177 9.44 3.58 -21.81
N ASN C 178 10.14 4.54 -21.21
CA ASN C 178 9.62 5.20 -20.02
C ASN C 178 8.46 6.13 -20.36
N GLY C 179 7.55 6.29 -19.40
CA GLY C 179 6.54 7.32 -19.51
C GLY C 179 7.16 8.71 -19.55
N VAL C 180 6.37 9.67 -19.99
CA VAL C 180 6.89 11.03 -20.22
C VAL C 180 7.51 11.59 -18.96
N GLY C 181 6.84 11.41 -17.82
CA GLY C 181 7.37 11.92 -16.56
C GLY C 181 8.70 11.30 -16.15
N TYR C 182 9.06 10.16 -16.74
CA TYR C 182 10.30 9.48 -16.42
C TYR C 182 11.34 9.60 -17.53
N GLN C 183 11.01 10.28 -18.62
CA GLN C 183 11.95 10.51 -19.71
C GLN C 183 12.88 11.67 -19.38
N PRO C 184 14.07 11.71 -19.98
CA PRO C 184 15.00 12.79 -19.67
C PRO C 184 14.56 14.11 -20.27
N TYR C 185 14.84 15.20 -19.55
CA TYR C 185 14.58 16.55 -20.01
C TYR C 185 15.82 17.39 -19.80
N ARG C 186 16.22 18.13 -20.82
CA ARG C 186 17.32 19.08 -20.69
C ARG C 186 16.77 20.42 -20.24
N VAL C 187 17.44 21.01 -19.25
CA VAL C 187 17.00 22.24 -18.61
C VAL C 187 18.08 23.29 -18.75
N VAL C 188 17.68 24.51 -19.06
CA VAL C 188 18.56 25.68 -19.06
C VAL C 188 17.91 26.75 -18.19
N VAL C 189 18.63 27.21 -17.17
CA VAL C 189 18.15 28.24 -16.26
C VAL C 189 18.96 29.49 -16.52
N LEU C 190 18.28 30.56 -16.94
CA LEU C 190 18.90 31.86 -17.16
C LEU C 190 18.67 32.73 -15.94
N SER C 191 19.75 33.20 -15.32
CA SER C 191 19.68 34.10 -14.18
C SER C 191 20.16 35.48 -14.61
N PHE C 192 19.41 36.51 -14.26
CA PHE C 192 19.71 37.88 -14.66
C PHE C 192 20.11 38.67 -13.43
N GLU C 193 21.33 39.21 -13.46
CA GLU C 193 21.96 39.82 -12.31
C GLU C 193 22.21 41.30 -12.60
N LEU C 194 21.70 42.18 -11.74
CA LEU C 194 21.85 43.62 -11.90
C LEU C 194 22.56 44.17 -10.66
N LEU C 195 23.87 44.33 -10.78
CA LEU C 195 24.69 44.86 -9.69
C LEU C 195 25.05 46.32 -9.98
N HIS C 196 25.76 46.93 -9.03
CA HIS C 196 26.22 48.32 -9.17
C HIS C 196 27.52 48.38 -9.97
N ALA C 197 27.54 47.69 -11.10
CA ALA C 197 28.67 47.60 -12.00
C ALA C 197 28.19 47.88 -13.42
N PRO C 198 29.11 48.07 -14.37
CA PRO C 198 28.69 48.26 -15.75
C PRO C 198 27.87 47.08 -16.27
N ALA C 199 26.76 47.40 -16.94
CA ALA C 199 25.90 46.38 -17.53
C ALA C 199 26.49 45.97 -18.88
N THR C 200 26.81 44.68 -19.04
CA THR C 200 27.52 44.20 -20.21
C THR C 200 26.69 43.31 -21.13
N VAL C 201 25.48 42.92 -20.72
CA VAL C 201 24.64 42.03 -21.52
C VAL C 201 23.32 42.75 -21.79
N CYS C 202 23.11 43.14 -23.04
CA CYS C 202 21.91 43.85 -23.46
C CYS C 202 21.29 43.14 -24.66
N GLY C 203 20.15 43.65 -25.11
CA GLY C 203 19.52 43.20 -26.33
C GLY C 203 19.63 44.24 -27.43
N LYS C 204 18.83 44.05 -28.46
CA LYS C 204 18.83 44.93 -29.63
C LYS C 204 18.53 46.37 -29.25
C1 NAG D . 19.96 25.66 -31.90
C2 NAG D . 19.77 27.17 -31.96
C3 NAG D . 18.50 27.54 -32.72
C4 NAG D . 18.47 26.85 -34.08
C5 NAG D . 18.69 25.36 -33.93
C6 NAG D . 18.81 24.63 -35.24
C7 NAG D . 20.39 28.84 -30.26
C8 NAG D . 20.24 29.27 -28.83
N2 NAG D . 19.73 27.74 -30.62
O3 NAG D . 18.42 28.94 -32.89
O4 NAG D . 17.22 27.10 -34.72
O5 NAG D . 19.92 25.12 -33.22
O6 NAG D . 20.01 25.02 -35.91
O7 NAG D . 21.09 29.46 -31.06
C1 NAG D . 17.40 27.57 -36.08
C2 NAG D . 16.06 27.43 -36.82
C3 NAG D . 16.19 27.93 -38.26
C4 NAG D . 16.76 29.34 -38.28
C5 NAG D . 18.05 29.42 -37.48
C6 NAG D . 18.60 30.82 -37.36
C7 NAG D . 14.38 25.68 -36.41
C8 NAG D . 14.08 24.22 -36.45
N2 NAG D . 15.61 26.05 -36.79
O3 NAG D . 14.93 27.90 -38.89
O4 NAG D . 17.01 29.75 -39.61
O5 NAG D . 17.83 28.95 -36.13
O6 NAG D . 18.00 31.53 -36.28
O7 NAG D . 13.54 26.51 -36.05
C1 FUC D . 19.86 24.85 -37.33
C2 FUC D . 21.21 25.24 -37.96
C3 FUC D . 22.29 24.25 -37.55
C4 FUC D . 21.88 22.83 -37.96
C5 FUC D . 20.51 22.49 -37.36
C6 FUC D . 19.94 21.18 -37.86
O2 FUC D . 21.59 26.57 -37.64
O3 FUC D . 23.52 24.56 -38.18
O4 FUC D . 21.81 22.75 -39.38
O5 FUC D . 19.52 23.51 -37.65
C1 PEG E . 8.88 21.81 6.55
O1 PEG E . 7.83 22.20 7.39
C2 PEG E . 8.41 20.66 5.65
O2 PEG E . 8.61 21.01 4.31
C3 PEG E . 7.64 20.50 3.44
C4 PEG E . 8.27 20.29 2.06
O4 PEG E . 7.35 19.66 1.21
C1 GOL F . -20.33 -14.00 7.39
O1 GOL F . -21.36 -14.93 7.57
C2 GOL F . -19.72 -13.72 8.78
O2 GOL F . -20.61 -13.03 9.62
C3 GOL F . -19.37 -15.12 9.35
O3 GOL F . -18.41 -14.91 10.34
S SO4 G . 21.22 4.72 17.47
O1 SO4 G . 21.27 5.49 18.70
O2 SO4 G . 21.30 5.62 16.32
O3 SO4 G . 22.34 3.78 17.43
O4 SO4 G . 19.98 3.98 17.41
CL CL H . -11.81 -17.53 19.07
CL CL I . 14.41 18.14 16.56
CL CL J . 15.78 17.84 12.54
C1 PEG K . -32.88 -19.56 20.41
O1 PEG K . -32.49 -19.56 21.76
C2 PEG K . -34.39 -19.70 20.26
O2 PEG K . -34.69 -20.00 18.93
C3 PEG K . -34.94 -21.35 18.67
C4 PEG K . -34.57 -21.69 17.22
O4 PEG K . -33.51 -22.61 17.18
C1 GOL L . -9.56 -24.14 9.54
O1 GOL L . -9.58 -23.58 8.23
C2 GOL L . -8.88 -23.13 10.48
O2 GOL L . -8.45 -21.99 9.81
C3 GOL L . -9.95 -22.81 11.53
O3 GOL L . -11.15 -22.63 10.84
S SO4 M . -47.01 -18.72 6.02
O1 SO4 M . -46.64 -19.38 7.27
O2 SO4 M . -46.96 -17.27 6.21
O3 SO4 M . -46.08 -19.11 4.98
O4 SO4 M . -48.36 -19.12 5.64
CL CL N . -38.36 -21.88 9.95
CL CL O . -9.29 -20.45 -6.32
C TRS P . 11.02 11.57 -6.93
C1 TRS P . 10.15 11.78 -5.69
C2 TRS P . 11.75 10.24 -6.81
C3 TRS P . 12.04 12.71 -7.06
N TRS P . 10.17 11.54 -8.12
O1 TRS P . 9.47 10.59 -5.36
O2 TRS P . 12.85 10.20 -7.70
O3 TRS P . 11.48 13.93 -6.61
C1 GOL Q . 15.71 22.36 -28.29
O1 GOL Q . 14.95 21.33 -28.85
C2 GOL Q . 17.14 22.23 -28.86
O2 GOL Q . 17.17 22.47 -30.23
C3 GOL Q . 17.98 23.24 -28.06
O3 GOL Q . 17.48 24.50 -28.36
C1 PEG R . 23.40 33.72 -9.80
O1 PEG R . 24.00 32.93 -8.81
C2 PEG R . 22.98 35.07 -9.20
O2 PEG R . 21.87 35.56 -9.91
C3 PEG R . 21.00 36.32 -9.14
C4 PEG R . 19.69 36.55 -9.90
O4 PEG R . 18.71 35.65 -9.46
CL CL S . 11.73 26.41 -0.43
#